data_5ACN
#
_entry.id   5ACN
#
_cell.length_a   173.600
_cell.length_b   72.000
_cell.length_c   72.700
_cell.angle_alpha   90.00
_cell.angle_beta   90.00
_cell.angle_gamma   90.00
#
_symmetry.space_group_name_H-M   'P 21 21 2'
#
loop_
_entity.id
_entity.type
_entity.pdbx_description
1 polymer ACONITASE
2 non-polymer 'SULFATE ION'
3 non-polymer 'FE3-S4 CLUSTER'
4 non-polymer 'TRICARBALLYLIC ACID'
5 water water
#
_entity_poly.entity_id   1
_entity_poly.type   'polypeptide(L)'
_entity_poly.pdbx_seq_one_letter_code
;(PCA)RAKVAMSHFEPHEYIRYDLLEKNIDIVRKRLNRPLTLSEKIVYGHLDDPANQEIERGKTYLRLRPDRVAMQDATA
QMAMLQFISSGLPKVAVPSTIHCDHLIEAQLGGEKDLRRAKDINQEVYNFLATAGAKYGVGFWRPGSGIIHQIILENYAY
PGVLLIGTDSHTPNGGGLGGICIGVGGADAVDVMAGIPWELKCPKVIGVKLTGSLSGWTSPKDVILKVAGILTVKGGTGA
IVEYHGPGVDSISCTGMATICNMGAEIGATTSVFPYNHRMKKYLSKTGRADIANLADEFKDHLVPDPGCHYDQVIEINLS
ELKPHINGPFTPDLAHPVAEVGSVAEKEGWPLDIRVGLIGSCTNSSYEDMGRSAAVAKQALAHGLKCKSQFTITPGSEQI
RATIERDGYAQVLRDVGGIVLANACGPCIGQWDRKDIKKGEKNTIVTSYNRNFTGRNDANPETHAFVTSPEIVTALAIAG
TLKFNPETDFLTGKDGKKFKLEAPDADELPRAEFDPGQDTYQHPPKDSSGQRVDVSPTSQRLQLLEPFDKWDGKDLEDLQ
ILIKVKGKCTTDHISAAGPWLKFRGHLDNISNNLLIGAINIENRKANSVRNAVTQEFGPVPDTARYYKQHGIRWVVIGDE
NYGEGSSREHSALEPRHLGGRAIITKSFARIHETNLKKQGLLPLTFADPADYNKIHPVDKLTIQGLKDFAPGKPLKCIIK
HPNGTQETILLNHTFNETQIEWFRAGSALNRMKELQQK
;
_entity_poly.pdbx_strand_id   A
#
loop_
_chem_comp.id
_chem_comp.type
_chem_comp.name
_chem_comp.formula
F3S non-polymer 'FE3-S4 CLUSTER' 'Fe3 S4'
SO4 non-polymer 'SULFATE ION' 'O4 S -2'
TRC non-polymer 'TRICARBALLYLIC ACID' 'C6 H8 O6'
#
# COMPACT_ATOMS: atom_id res chain seq x y z
N PCA A 1 -29.40 -3.28 -14.32
CA PCA A 1 -29.48 -4.46 -13.50
CB PCA A 1 -28.79 -4.17 -12.16
CG PCA A 1 -28.46 -2.68 -12.21
CD PCA A 1 -28.92 -2.28 -13.60
OE PCA A 1 -28.95 -1.15 -14.06
C PCA A 1 -31.05 -4.41 -13.34
O PCA A 1 -31.74 -3.44 -13.73
N ARG A 2 -31.69 -5.40 -12.72
CA ARG A 2 -33.14 -5.38 -12.44
C ARG A 2 -33.21 -4.45 -11.21
N ALA A 3 -32.72 -4.82 -10.01
CA ALA A 3 -32.52 -3.88 -8.87
C ALA A 3 -31.69 -2.64 -9.25
N LYS A 4 -31.86 -1.50 -8.55
CA LYS A 4 -31.32 -0.22 -8.95
C LYS A 4 -30.76 0.37 -7.67
N VAL A 5 -29.71 -0.25 -7.12
CA VAL A 5 -29.13 0.14 -5.85
C VAL A 5 -27.83 0.88 -6.18
N ALA A 6 -27.50 2.04 -5.61
CA ALA A 6 -26.33 2.76 -6.04
C ALA A 6 -25.05 2.26 -5.44
N MET A 7 -23.92 2.60 -6.04
CA MET A 7 -22.61 2.25 -5.53
C MET A 7 -22.22 2.86 -4.18
N SER A 8 -22.71 4.09 -3.97
CA SER A 8 -22.55 4.86 -2.77
C SER A 8 -23.52 6.05 -2.83
N HIS A 9 -23.65 6.83 -1.77
CA HIS A 9 -24.41 8.08 -1.68
C HIS A 9 -23.80 9.19 -2.55
N PHE A 10 -22.54 9.14 -3.00
CA PHE A 10 -21.87 10.19 -3.77
C PHE A 10 -22.00 9.96 -5.27
N GLU A 11 -22.50 8.80 -5.71
CA GLU A 11 -22.74 8.44 -7.11
C GLU A 11 -24.12 7.77 -7.15
N PRO A 12 -25.24 8.45 -6.92
CA PRO A 12 -26.56 7.81 -6.78
C PRO A 12 -27.08 7.22 -8.10
N HIS A 13 -26.46 7.63 -9.18
CA HIS A 13 -26.74 7.21 -10.53
C HIS A 13 -26.00 6.00 -11.01
N GLU A 14 -25.08 5.47 -10.27
CA GLU A 14 -24.15 4.48 -10.81
C GLU A 14 -24.48 3.29 -9.93
N TYR A 15 -25.08 2.29 -10.55
CA TYR A 15 -25.63 1.15 -9.82
C TYR A 15 -24.72 -0.06 -9.75
N ILE A 16 -24.91 -0.82 -8.67
CA ILE A 16 -24.15 -2.04 -8.42
C ILE A 16 -24.59 -3.09 -9.41
N ARG A 17 -23.68 -3.72 -10.16
CA ARG A 17 -24.06 -4.73 -11.13
C ARG A 17 -23.81 -6.18 -10.74
N TYR A 18 -24.40 -6.71 -9.68
CA TYR A 18 -24.25 -8.11 -9.38
C TYR A 18 -24.86 -9.01 -10.43
N ASP A 19 -25.72 -8.54 -11.29
CA ASP A 19 -26.29 -9.32 -12.35
C ASP A 19 -25.19 -9.60 -13.33
N LEU A 20 -24.27 -8.67 -13.62
CA LEU A 20 -23.18 -8.93 -14.51
C LEU A 20 -22.18 -9.84 -13.84
N LEU A 21 -21.81 -9.62 -12.56
CA LEU A 21 -20.92 -10.49 -11.81
C LEU A 21 -21.38 -11.93 -12.00
N GLU A 22 -22.66 -12.18 -11.71
CA GLU A 22 -23.23 -13.50 -11.84
C GLU A 22 -23.19 -14.00 -13.26
N LYS A 23 -23.54 -13.26 -14.29
CA LYS A 23 -23.46 -13.74 -15.63
C LYS A 23 -22.05 -14.11 -16.00
N ASN A 24 -20.99 -13.39 -15.57
CA ASN A 24 -19.64 -13.75 -15.93
C ASN A 24 -19.13 -14.90 -15.07
N ILE A 25 -19.62 -15.09 -13.85
CA ILE A 25 -19.23 -16.23 -13.05
C ILE A 25 -19.79 -17.50 -13.68
N ASP A 26 -20.97 -17.48 -14.27
CA ASP A 26 -21.63 -18.61 -14.88
C ASP A 26 -20.98 -18.96 -16.23
N ILE A 27 -20.60 -17.94 -17.01
CA ILE A 27 -19.81 -18.20 -18.20
C ILE A 27 -18.45 -18.84 -17.84
N VAL A 28 -17.69 -18.39 -16.85
CA VAL A 28 -16.40 -18.93 -16.46
C VAL A 28 -16.50 -20.34 -15.94
N ARG A 29 -17.33 -20.49 -14.92
CA ARG A 29 -17.68 -21.74 -14.28
C ARG A 29 -17.85 -22.84 -15.33
N LYS A 30 -18.67 -22.67 -16.39
CA LYS A 30 -18.91 -23.74 -17.35
C LYS A 30 -17.73 -23.90 -18.30
N ARG A 31 -16.78 -23.01 -18.31
CA ARG A 31 -15.64 -23.21 -19.16
C ARG A 31 -14.74 -24.01 -18.26
N LEU A 32 -14.67 -23.66 -16.96
CA LEU A 32 -13.72 -24.34 -16.11
C LEU A 32 -14.16 -25.62 -15.46
N ASN A 33 -15.43 -25.93 -15.33
CA ASN A 33 -15.87 -27.13 -14.67
C ASN A 33 -15.29 -27.44 -13.31
N ARG A 34 -15.19 -26.49 -12.40
CA ARG A 34 -14.68 -26.80 -11.09
C ARG A 34 -15.17 -25.73 -10.15
N PRO A 35 -15.22 -25.99 -8.84
CA PRO A 35 -15.44 -24.95 -7.85
C PRO A 35 -14.49 -23.78 -7.97
N LEU A 36 -14.98 -22.56 -7.75
CA LEU A 36 -14.09 -21.41 -7.74
C LEU A 36 -14.07 -20.88 -6.32
N THR A 37 -13.02 -20.21 -5.94
CA THR A 37 -12.81 -19.62 -4.64
C THR A 37 -13.51 -18.27 -4.67
N LEU A 38 -13.60 -17.55 -3.57
CA LEU A 38 -14.17 -16.22 -3.55
C LEU A 38 -13.43 -15.25 -4.44
N SER A 39 -12.12 -15.15 -4.40
CA SER A 39 -11.42 -14.17 -5.19
C SER A 39 -11.48 -14.52 -6.66
N GLU A 40 -11.68 -15.79 -7.00
CA GLU A 40 -11.89 -16.21 -8.38
C GLU A 40 -13.28 -15.80 -8.78
N LYS A 41 -14.36 -15.98 -8.01
CA LYS A 41 -15.68 -15.52 -8.40
C LYS A 41 -15.71 -14.02 -8.68
N ILE A 42 -15.13 -13.21 -7.82
CA ILE A 42 -14.99 -11.77 -7.98
C ILE A 42 -14.03 -11.26 -9.05
N VAL A 43 -12.82 -11.83 -9.23
CA VAL A 43 -11.93 -11.42 -10.31
C VAL A 43 -12.51 -11.85 -11.66
N TYR A 44 -12.81 -13.14 -11.85
CA TYR A 44 -13.38 -13.64 -13.08
C TYR A 44 -14.80 -13.08 -13.36
N GLY A 45 -15.57 -12.65 -12.37
CA GLY A 45 -16.83 -11.98 -12.59
C GLY A 45 -16.59 -10.58 -13.17
N HIS A 46 -15.40 -9.99 -13.20
CA HIS A 46 -15.16 -8.65 -13.76
C HIS A 46 -14.28 -8.69 -15.01
N LEU A 47 -14.11 -9.84 -15.66
CA LEU A 47 -13.32 -10.00 -16.87
C LEU A 47 -13.99 -9.23 -17.97
N ASP A 48 -13.25 -8.70 -18.92
CA ASP A 48 -13.88 -7.98 -20.01
C ASP A 48 -14.48 -8.94 -21.03
N ASP A 49 -13.82 -10.07 -21.22
CA ASP A 49 -14.41 -11.07 -22.07
C ASP A 49 -14.27 -12.47 -21.46
N PRO A 50 -15.28 -12.85 -20.65
CA PRO A 50 -15.29 -14.07 -19.90
C PRO A 50 -15.36 -15.32 -20.75
N ALA A 51 -15.99 -15.26 -21.92
CA ALA A 51 -16.09 -16.37 -22.85
C ALA A 51 -14.77 -16.79 -23.47
N ASN A 52 -13.92 -15.80 -23.77
CA ASN A 52 -12.60 -15.99 -24.39
C ASN A 52 -11.39 -15.84 -23.50
N GLN A 53 -11.37 -15.05 -22.42
CA GLN A 53 -10.21 -14.97 -21.54
C GLN A 53 -9.59 -16.34 -21.22
N GLU A 54 -8.30 -16.36 -21.50
CA GLU A 54 -7.51 -17.50 -21.16
C GLU A 54 -7.22 -17.46 -19.63
N ILE A 55 -7.59 -18.47 -18.83
CA ILE A 55 -7.45 -18.43 -17.36
C ILE A 55 -6.53 -19.47 -16.76
N GLU A 56 -5.37 -19.12 -16.23
CA GLU A 56 -4.51 -20.13 -15.62
C GLU A 56 -3.85 -19.41 -14.45
N ARG A 57 -3.79 -19.97 -13.25
CA ARG A 57 -3.33 -19.28 -12.05
C ARG A 57 -1.86 -19.19 -12.17
N GLY A 58 -1.36 -17.97 -11.91
CA GLY A 58 0.05 -17.58 -11.98
C GLY A 58 0.61 -17.46 -13.39
N LYS A 59 -0.11 -17.70 -14.48
CA LYS A 59 0.42 -17.65 -15.83
C LYS A 59 -0.09 -16.55 -16.74
N THR A 60 -1.41 -16.48 -16.95
CA THR A 60 -2.05 -15.57 -17.88
C THR A 60 -2.26 -14.21 -17.27
N TYR A 61 -2.38 -13.18 -18.09
CA TYR A 61 -2.78 -11.85 -17.68
C TYR A 61 -4.30 -11.75 -17.96
N LEU A 62 -5.06 -11.48 -16.94
CA LEU A 62 -6.49 -11.29 -17.03
C LEU A 62 -6.71 -9.83 -17.42
N ARG A 63 -7.65 -9.57 -18.31
CA ARG A 63 -7.96 -8.22 -18.75
C ARG A 63 -9.34 -7.94 -18.17
N LEU A 64 -9.30 -7.12 -17.12
CA LEU A 64 -10.37 -6.84 -16.17
C LEU A 64 -10.92 -5.44 -16.29
N ARG A 65 -12.12 -5.24 -15.72
CA ARG A 65 -12.79 -3.96 -15.73
C ARG A 65 -13.13 -3.51 -14.29
N PRO A 66 -12.29 -2.76 -13.55
CA PRO A 66 -12.53 -2.34 -12.16
C PRO A 66 -13.78 -1.46 -12.03
N ASP A 67 -14.44 -1.52 -10.88
CA ASP A 67 -15.62 -0.71 -10.60
C ASP A 67 -15.32 0.76 -10.33
N ARG A 68 -14.34 1.04 -9.50
CA ARG A 68 -13.97 2.38 -9.16
C ARG A 68 -12.47 2.53 -8.94
N VAL A 69 -11.91 3.77 -8.96
CA VAL A 69 -10.49 4.07 -8.76
C VAL A 69 -10.36 4.95 -7.53
N ALA A 70 -9.53 4.69 -6.54
CA ALA A 70 -9.34 5.65 -5.48
C ALA A 70 -7.87 6.07 -5.48
N MET A 71 -7.58 7.35 -5.19
CA MET A 71 -6.23 7.93 -5.15
C MET A 71 -6.07 8.77 -3.91
N GLN A 72 -4.84 8.71 -3.50
CA GLN A 72 -4.31 9.33 -2.30
C GLN A 72 -3.49 10.54 -2.81
N ASP A 73 -3.27 11.68 -2.13
CA ASP A 73 -2.59 12.85 -2.73
C ASP A 73 -1.11 12.79 -2.99
N ALA A 74 -0.43 11.85 -2.37
CA ALA A 74 0.99 11.72 -2.62
C ALA A 74 1.09 10.96 -3.96
N THR A 75 0.11 10.19 -4.42
CA THR A 75 0.21 9.57 -5.73
C THR A 75 -0.78 10.04 -6.77
N ALA A 76 -1.81 10.77 -6.34
CA ALA A 76 -2.83 11.31 -7.19
C ALA A 76 -2.29 12.36 -8.11
N GLN A 77 -1.25 13.13 -7.69
CA GLN A 77 -0.77 14.26 -8.49
C GLN A 77 -0.14 13.75 -9.78
N MET A 78 0.73 12.72 -9.77
CA MET A 78 1.36 12.20 -10.97
C MET A 78 0.38 11.41 -11.82
N ALA A 79 -0.59 10.73 -11.21
CA ALA A 79 -1.64 10.04 -11.94
C ALA A 79 -2.55 11.00 -12.72
N MET A 80 -2.95 12.11 -12.07
CA MET A 80 -3.73 13.14 -12.73
C MET A 80 -2.91 13.86 -13.77
N LEU A 81 -1.60 14.10 -13.62
CA LEU A 81 -0.78 14.69 -14.66
C LEU A 81 -0.68 13.74 -15.86
N GLN A 82 -0.64 12.39 -15.70
CA GLN A 82 -0.63 11.46 -16.86
C GLN A 82 -1.99 11.44 -17.53
N PHE A 83 -3.09 11.56 -16.76
CA PHE A 83 -4.43 11.64 -17.33
C PHE A 83 -4.57 12.93 -18.13
N ILE A 84 -4.07 14.07 -17.61
CA ILE A 84 -4.10 15.31 -18.33
C ILE A 84 -3.40 15.16 -19.67
N SER A 85 -2.20 14.50 -19.78
CA SER A 85 -1.56 14.19 -21.07
C SER A 85 -2.37 13.28 -21.99
N SER A 86 -3.26 12.40 -21.52
CA SER A 86 -3.98 11.56 -22.45
C SER A 86 -4.87 12.43 -23.33
N GLY A 87 -5.28 13.60 -22.83
CA GLY A 87 -6.16 14.48 -23.57
C GLY A 87 -7.63 14.11 -23.40
N LEU A 88 -7.93 13.02 -22.68
CA LEU A 88 -9.29 12.52 -22.56
C LEU A 88 -10.16 13.47 -21.77
N PRO A 89 -11.49 13.63 -21.95
CA PRO A 89 -12.21 14.72 -21.32
C PRO A 89 -12.68 14.53 -19.92
N LYS A 90 -12.93 13.30 -19.48
CA LYS A 90 -13.54 13.03 -18.18
C LYS A 90 -13.15 11.61 -17.84
N VAL A 91 -13.28 11.23 -16.58
CA VAL A 91 -12.90 9.87 -16.21
C VAL A 91 -14.03 8.89 -16.48
N ALA A 92 -13.70 7.73 -16.98
CA ALA A 92 -14.62 6.68 -17.31
C ALA A 92 -15.30 5.97 -16.18
N VAL A 93 -14.83 5.96 -14.93
CA VAL A 93 -15.51 5.24 -13.87
C VAL A 93 -15.37 6.12 -12.62
N PRO A 94 -16.16 5.92 -11.54
CA PRO A 94 -16.05 6.62 -10.25
C PRO A 94 -14.65 6.66 -9.70
N SER A 95 -13.96 7.79 -9.63
CA SER A 95 -12.67 7.92 -9.00
C SER A 95 -12.72 8.95 -7.87
N THR A 96 -11.95 8.78 -6.80
CA THR A 96 -11.90 9.81 -5.75
C THR A 96 -10.42 10.22 -5.45
N ILE A 97 -10.12 11.47 -5.05
CA ILE A 97 -8.80 11.86 -4.55
C ILE A 97 -8.99 12.01 -3.03
N HIS A 98 -8.07 11.57 -2.19
CA HIS A 98 -8.18 11.70 -0.75
C HIS A 98 -6.89 12.42 -0.32
N CYS A 99 -7.04 13.44 0.53
CA CYS A 99 -5.88 14.20 0.91
C CYS A 99 -5.32 13.87 2.29
N ASP A 100 -4.45 12.86 2.37
CA ASP A 100 -3.96 12.30 3.62
C ASP A 100 -2.46 12.19 3.85
N HIS A 101 -1.70 12.24 2.79
CA HIS A 101 -0.27 12.07 2.89
C HIS A 101 0.58 13.32 3.10
N LEU A 102 0.13 14.56 2.92
CA LEU A 102 0.94 15.77 3.05
C LEU A 102 0.73 16.57 4.35
N ILE A 103 0.34 15.92 5.43
CA ILE A 103 -0.04 16.64 6.62
C ILE A 103 0.87 16.12 7.68
N GLU A 104 1.79 17.00 8.08
CA GLU A 104 2.76 16.62 9.08
C GLU A 104 2.35 16.79 10.53
N ALA A 105 2.68 15.76 11.28
CA ALA A 105 2.40 15.66 12.71
C ALA A 105 3.42 16.42 13.51
N GLN A 106 2.98 17.40 14.28
CA GLN A 106 3.92 18.22 15.01
C GLN A 106 3.35 18.66 16.35
N LEU A 107 2.21 19.35 16.35
CA LEU A 107 1.62 19.79 17.60
C LEU A 107 0.27 19.09 17.90
N GLY A 108 -0.38 18.58 16.86
CA GLY A 108 -1.64 17.89 17.02
C GLY A 108 -2.63 18.47 16.06
N GLY A 109 -3.79 17.78 16.09
CA GLY A 109 -4.98 17.95 15.27
C GLY A 109 -5.09 19.23 14.48
N GLU A 110 -5.79 20.17 15.07
CA GLU A 110 -6.09 21.40 14.43
C GLU A 110 -4.90 22.26 13.93
N LYS A 111 -3.86 22.42 14.75
CA LYS A 111 -2.70 23.24 14.36
C LYS A 111 -2.01 22.60 13.14
N ASP A 112 -1.81 21.28 13.17
CA ASP A 112 -1.12 20.59 12.08
C ASP A 112 -1.83 20.66 10.76
N LEU A 113 -3.16 20.56 10.81
CA LEU A 113 -3.94 20.74 9.62
C LEU A 113 -3.87 22.18 9.11
N ARG A 114 -3.90 23.22 9.96
CA ARG A 114 -3.93 24.59 9.47
C ARG A 114 -2.68 24.79 8.68
N ARG A 115 -1.54 24.48 9.30
CA ARG A 115 -0.22 24.59 8.67
C ARG A 115 -0.14 23.81 7.35
N ALA A 116 -0.70 22.60 7.28
CA ALA A 116 -0.61 21.81 6.07
C ALA A 116 -1.38 22.46 4.95
N LYS A 117 -2.59 23.05 5.12
CA LYS A 117 -3.35 23.70 4.06
C LYS A 117 -2.59 24.95 3.64
N ASP A 118 -1.87 25.64 4.50
CA ASP A 118 -1.06 26.77 4.06
C ASP A 118 0.16 26.31 3.25
N ILE A 119 0.94 25.40 3.85
CA ILE A 119 2.12 24.89 3.20
C ILE A 119 1.82 24.20 1.87
N ASN A 120 0.64 23.58 1.72
CA ASN A 120 0.32 22.82 0.53
C ASN A 120 -0.74 23.35 -0.42
N GLN A 121 -1.27 24.60 -0.29
CA GLN A 121 -2.34 25.19 -1.12
C GLN A 121 -2.19 24.93 -2.58
N GLU A 122 -0.98 24.99 -3.12
CA GLU A 122 -0.79 24.84 -4.53
C GLU A 122 -1.26 23.50 -5.06
N VAL A 123 -0.92 22.43 -4.32
CA VAL A 123 -1.20 21.04 -4.67
C VAL A 123 -2.65 20.61 -4.36
N TYR A 124 -3.19 21.05 -3.22
CA TYR A 124 -4.61 20.84 -2.90
C TYR A 124 -5.47 21.58 -3.92
N ASN A 125 -5.15 22.79 -4.31
CA ASN A 125 -5.87 23.53 -5.31
C ASN A 125 -5.76 22.90 -6.70
N PHE A 126 -4.58 22.44 -7.09
CA PHE A 126 -4.42 21.61 -8.27
C PHE A 126 -5.30 20.37 -8.19
N LEU A 127 -5.27 19.53 -7.18
CA LEU A 127 -6.06 18.31 -7.10
C LEU A 127 -7.60 18.51 -7.11
N ALA A 128 -8.11 19.59 -6.51
CA ALA A 128 -9.53 19.87 -6.52
C ALA A 128 -10.00 20.45 -7.85
N THR A 129 -9.28 21.29 -8.56
CA THR A 129 -9.82 21.84 -9.78
C THR A 129 -9.63 20.80 -10.86
N ALA A 130 -8.61 19.93 -10.85
CA ALA A 130 -8.55 18.84 -11.81
C ALA A 130 -9.62 17.84 -11.46
N GLY A 131 -9.95 17.65 -10.19
CA GLY A 131 -11.04 16.75 -9.80
C GLY A 131 -12.39 17.28 -10.33
N ALA A 132 -12.65 18.56 -10.12
CA ALA A 132 -13.84 19.25 -10.59
C ALA A 132 -13.89 19.11 -12.09
N LYS A 133 -12.79 19.33 -12.77
CA LYS A 133 -12.78 19.27 -14.19
C LYS A 133 -13.05 17.93 -14.77
N TYR A 134 -12.37 16.90 -14.29
CA TYR A 134 -12.44 15.61 -14.93
C TYR A 134 -13.49 14.71 -14.35
N GLY A 135 -14.17 15.22 -13.34
CA GLY A 135 -15.28 14.54 -12.70
C GLY A 135 -14.89 13.56 -11.61
N VAL A 136 -13.84 13.85 -10.85
CA VAL A 136 -13.31 12.98 -9.80
C VAL A 136 -13.79 13.50 -8.44
N GLY A 137 -14.34 12.71 -7.51
CA GLY A 137 -14.77 13.23 -6.21
C GLY A 137 -13.57 13.61 -5.33
N PHE A 138 -13.62 14.67 -4.52
CA PHE A 138 -12.44 15.15 -3.83
C PHE A 138 -12.68 15.28 -2.35
N TRP A 139 -11.94 14.49 -1.59
CA TRP A 139 -12.03 14.53 -0.14
C TRP A 139 -10.89 15.42 0.32
N ARG A 140 -11.43 16.43 0.96
CA ARG A 140 -10.70 17.59 1.39
C ARG A 140 -9.62 17.26 2.44
N PRO A 141 -8.46 17.91 2.58
CA PRO A 141 -7.53 17.66 3.66
C PRO A 141 -8.19 17.77 5.02
N GLY A 142 -7.80 16.84 5.88
CA GLY A 142 -8.42 16.72 7.19
C GLY A 142 -9.61 15.77 7.13
N SER A 143 -10.12 15.30 5.98
CA SER A 143 -11.34 14.47 6.00
C SER A 143 -11.14 13.02 6.44
N GLY A 144 -9.89 12.50 6.33
CA GLY A 144 -9.55 11.14 6.74
C GLY A 144 -8.61 10.39 5.79
N ILE A 145 -8.10 9.20 6.13
CA ILE A 145 -7.14 8.42 5.33
C ILE A 145 -7.94 7.62 4.30
N ILE A 146 -7.41 7.50 3.08
CA ILE A 146 -8.00 6.82 1.95
C ILE A 146 -8.67 5.51 2.32
N HIS A 147 -8.13 4.61 3.11
CA HIS A 147 -8.74 3.30 3.25
C HIS A 147 -9.87 3.29 4.22
N GLN A 148 -9.86 4.26 5.13
CA GLN A 148 -10.86 4.35 6.14
C GLN A 148 -12.08 4.94 5.44
N ILE A 149 -11.94 6.02 4.68
CA ILE A 149 -13.04 6.59 3.95
C ILE A 149 -13.55 5.60 2.93
N ILE A 150 -12.70 4.83 2.24
CA ILE A 150 -13.18 3.82 1.33
C ILE A 150 -13.96 2.78 2.14
N LEU A 151 -13.55 2.24 3.30
CA LEU A 151 -14.35 1.27 4.02
C LEU A 151 -15.71 1.83 4.50
N GLU A 152 -15.73 3.10 4.94
CA GLU A 152 -16.95 3.69 5.46
C GLU A 152 -17.90 4.04 4.39
N ASN A 153 -17.50 4.18 3.13
CA ASN A 153 -18.37 4.76 2.11
C ASN A 153 -18.44 4.11 0.77
N TYR A 154 -17.34 3.50 0.33
CA TYR A 154 -17.26 3.03 -1.02
C TYR A 154 -16.98 1.56 -1.10
N ALA A 155 -16.35 0.81 -0.18
CA ALA A 155 -16.22 -0.63 -0.39
C ALA A 155 -17.54 -1.29 -0.05
N TYR A 156 -17.82 -2.34 -0.83
CA TYR A 156 -18.98 -3.17 -0.65
C TYR A 156 -18.63 -4.59 -1.16
N PRO A 157 -19.35 -5.66 -0.86
CA PRO A 157 -19.01 -7.02 -1.26
C PRO A 157 -19.04 -7.24 -2.75
N GLY A 158 -18.13 -7.91 -3.41
CA GLY A 158 -18.19 -8.02 -4.86
C GLY A 158 -17.49 -6.85 -5.58
N VAL A 159 -17.09 -5.72 -4.99
CA VAL A 159 -16.44 -4.65 -5.74
C VAL A 159 -15.05 -5.08 -6.19
N LEU A 160 -14.54 -4.58 -7.30
CA LEU A 160 -13.17 -4.69 -7.77
C LEU A 160 -12.75 -3.23 -7.82
N LEU A 161 -11.88 -2.86 -6.92
CA LEU A 161 -11.48 -1.48 -6.76
C LEU A 161 -9.99 -1.41 -7.00
N ILE A 162 -9.44 -0.42 -7.67
CA ILE A 162 -7.98 -0.29 -7.65
C ILE A 162 -7.63 1.07 -7.00
N GLY A 163 -6.51 1.18 -6.35
CA GLY A 163 -6.13 2.34 -5.60
C GLY A 163 -4.61 2.53 -5.74
N THR A 164 -4.14 3.79 -5.75
CA THR A 164 -2.73 4.07 -5.90
C THR A 164 -2.14 4.16 -4.50
N ASP A 165 -1.98 3.00 -3.92
CA ASP A 165 -1.53 2.82 -2.54
C ASP A 165 -1.45 1.32 -2.25
N SER A 166 -0.37 0.81 -1.71
CA SER A 166 -0.28 -0.58 -1.32
C SER A 166 -1.29 -1.10 -0.31
N HIS A 167 -1.85 -0.27 0.58
CA HIS A 167 -2.70 -0.79 1.63
C HIS A 167 -4.13 -0.85 1.24
N THR A 168 -4.40 -0.59 -0.04
CA THR A 168 -5.70 -0.76 -0.67
C THR A 168 -6.32 -2.12 -0.45
N PRO A 169 -5.64 -3.26 -0.26
CA PRO A 169 -6.23 -4.45 0.28
C PRO A 169 -7.17 -4.37 1.49
N ASN A 170 -7.02 -3.28 2.28
CA ASN A 170 -7.88 -2.94 3.41
C ASN A 170 -9.35 -3.24 3.13
N GLY A 171 -9.81 -2.88 1.91
CA GLY A 171 -11.17 -3.03 1.36
C GLY A 171 -11.72 -4.45 1.39
N GLY A 172 -10.86 -5.50 1.43
CA GLY A 172 -11.21 -6.91 1.52
C GLY A 172 -12.01 -7.26 2.78
N GLY A 173 -11.98 -6.41 3.82
CA GLY A 173 -12.74 -6.55 5.03
C GLY A 173 -14.23 -6.38 4.76
N LEU A 174 -14.64 -5.72 3.69
CA LEU A 174 -16.03 -5.70 3.31
C LEU A 174 -16.24 -6.56 2.05
N GLY A 175 -15.51 -7.66 1.85
CA GLY A 175 -15.80 -8.63 0.79
C GLY A 175 -15.46 -8.25 -0.65
N GLY A 176 -14.66 -7.20 -0.89
CA GLY A 176 -14.31 -6.81 -2.24
C GLY A 176 -12.85 -7.09 -2.59
N ILE A 177 -12.49 -7.02 -3.86
CA ILE A 177 -11.16 -7.25 -4.28
C ILE A 177 -10.60 -5.87 -4.59
N CYS A 178 -9.68 -5.48 -3.73
CA CYS A 178 -9.13 -4.13 -3.77
C CYS A 178 -7.64 -4.23 -3.95
N ILE A 179 -7.12 -3.77 -5.06
CA ILE A 179 -5.75 -4.02 -5.37
C ILE A 179 -5.02 -2.72 -5.50
N GLY A 180 -3.82 -2.61 -5.01
CA GLY A 180 -3.00 -1.43 -5.16
C GLY A 180 -2.26 -1.52 -6.49
N VAL A 181 -2.12 -0.34 -7.11
CA VAL A 181 -1.50 -0.20 -8.40
C VAL A 181 -0.64 1.06 -8.41
N GLY A 182 0.20 1.30 -9.39
CA GLY A 182 0.92 2.56 -9.53
C GLY A 182 0.02 3.50 -10.33
N GLY A 183 0.09 4.80 -10.27
CA GLY A 183 -0.80 5.73 -10.96
C GLY A 183 -1.10 5.46 -12.42
N ALA A 184 -0.20 5.06 -13.31
CA ALA A 184 -0.55 4.68 -14.70
C ALA A 184 -1.60 3.56 -14.87
N ASP A 185 -1.82 2.65 -13.89
CA ASP A 185 -2.87 1.65 -13.92
C ASP A 185 -4.18 2.32 -13.70
N ALA A 186 -4.22 3.23 -12.72
CA ALA A 186 -5.40 4.03 -12.44
C ALA A 186 -5.77 4.83 -13.68
N VAL A 187 -4.83 5.41 -14.42
CA VAL A 187 -5.20 6.17 -15.58
C VAL A 187 -5.64 5.19 -16.64
N ASP A 188 -5.41 3.88 -16.71
CA ASP A 188 -6.01 3.03 -17.72
C ASP A 188 -7.51 2.88 -17.42
N VAL A 189 -7.90 2.58 -16.18
CA VAL A 189 -9.32 2.43 -15.82
C VAL A 189 -10.05 3.78 -15.97
N MET A 190 -9.49 4.90 -15.52
CA MET A 190 -10.05 6.23 -15.73
C MET A 190 -10.11 6.51 -17.26
N ALA A 191 -9.12 6.11 -18.08
CA ALA A 191 -9.20 6.29 -19.52
C ALA A 191 -10.19 5.33 -20.16
N GLY A 192 -10.65 4.30 -19.47
CA GLY A 192 -11.69 3.44 -19.99
C GLY A 192 -11.21 2.21 -20.73
N ILE A 193 -9.92 1.94 -20.64
CA ILE A 193 -9.39 0.76 -21.28
C ILE A 193 -9.26 -0.40 -20.29
N PRO A 194 -9.34 -1.69 -20.65
CA PRO A 194 -9.16 -2.80 -19.71
C PRO A 194 -7.87 -2.71 -18.86
N TRP A 195 -7.98 -3.10 -17.59
CA TRP A 195 -6.86 -3.18 -16.70
C TRP A 195 -6.28 -4.58 -16.70
N GLU A 196 -4.99 -4.81 -16.86
CA GLU A 196 -4.44 -6.16 -16.83
C GLU A 196 -3.84 -6.57 -15.51
N LEU A 197 -4.12 -7.80 -15.06
CA LEU A 197 -3.58 -8.36 -13.86
C LEU A 197 -3.10 -9.80 -14.05
N LYS A 198 -1.84 -10.18 -13.76
CA LYS A 198 -1.39 -11.57 -13.74
C LYS A 198 -2.35 -12.36 -12.86
N CYS A 199 -2.89 -13.43 -13.42
CA CYS A 199 -3.86 -14.27 -12.77
C CYS A 199 -3.27 -14.76 -11.44
N PRO A 200 -3.87 -14.40 -10.30
CA PRO A 200 -3.39 -14.77 -8.98
C PRO A 200 -3.44 -16.24 -8.57
N LYS A 201 -2.53 -16.63 -7.75
CA LYS A 201 -2.60 -17.91 -7.06
C LYS A 201 -3.47 -17.64 -5.82
N VAL A 202 -4.09 -18.57 -5.10
CA VAL A 202 -4.95 -18.23 -3.97
C VAL A 202 -4.45 -18.95 -2.72
N ILE A 203 -4.05 -18.26 -1.64
CA ILE A 203 -3.63 -18.94 -0.40
C ILE A 203 -4.85 -18.94 0.51
N GLY A 204 -5.24 -20.08 1.07
CA GLY A 204 -6.39 -20.12 1.92
C GLY A 204 -5.95 -20.16 3.36
N VAL A 205 -6.33 -19.18 4.19
CA VAL A 205 -6.00 -19.19 5.61
C VAL A 205 -7.34 -19.57 6.27
N LYS A 206 -7.47 -20.67 7.05
CA LYS A 206 -8.74 -21.12 7.60
C LYS A 206 -8.69 -20.72 9.04
N LEU A 207 -9.78 -20.13 9.50
CA LEU A 207 -9.87 -19.62 10.83
C LEU A 207 -10.92 -20.45 11.52
N THR A 208 -10.50 -20.86 12.71
CA THR A 208 -11.19 -21.80 13.57
C THR A 208 -11.22 -21.21 15.01
N GLY A 209 -12.27 -21.44 15.81
CA GLY A 209 -12.21 -21.05 17.24
C GLY A 209 -12.59 -19.60 17.37
N SER A 210 -12.35 -18.87 18.47
CA SER A 210 -12.76 -17.49 18.62
C SER A 210 -11.68 -16.67 19.30
N LEU A 211 -11.79 -15.35 19.10
CA LEU A 211 -10.90 -14.41 19.75
C LEU A 211 -11.27 -14.28 21.20
N SER A 212 -10.24 -14.21 22.01
CA SER A 212 -10.40 -13.97 23.40
C SER A 212 -9.30 -13.17 24.02
N GLY A 213 -9.77 -12.35 24.94
CA GLY A 213 -8.83 -11.67 25.80
C GLY A 213 -8.18 -10.49 25.16
N TRP A 214 -6.87 -10.49 25.31
CA TRP A 214 -6.14 -9.40 24.73
C TRP A 214 -5.97 -9.59 23.23
N THR A 215 -6.16 -10.82 22.74
CA THR A 215 -6.06 -11.15 21.32
C THR A 215 -7.06 -10.37 20.44
N SER A 216 -6.55 -9.64 19.46
CA SER A 216 -7.45 -8.97 18.53
C SER A 216 -7.28 -9.48 17.07
N PRO A 217 -8.15 -9.14 16.12
CA PRO A 217 -7.86 -9.21 14.66
C PRO A 217 -6.39 -9.01 14.24
N LYS A 218 -5.73 -7.93 14.68
CA LYS A 218 -4.33 -7.63 14.32
C LYS A 218 -3.39 -8.82 14.44
N ASP A 219 -3.55 -9.56 15.57
CA ASP A 219 -2.77 -10.73 15.90
C ASP A 219 -2.79 -11.81 14.87
N VAL A 220 -3.93 -12.00 14.20
CA VAL A 220 -4.01 -13.02 13.17
C VAL A 220 -3.03 -12.68 12.06
N ILE A 221 -2.90 -11.43 11.58
CA ILE A 221 -2.02 -11.22 10.46
C ILE A 221 -0.60 -11.04 10.96
N LEU A 222 -0.34 -10.71 12.21
CA LEU A 222 1.03 -10.71 12.73
C LEU A 222 1.48 -12.17 12.77
N LYS A 223 0.58 -13.10 13.09
CA LYS A 223 0.89 -14.52 13.14
C LYS A 223 1.10 -14.96 11.70
N VAL A 224 0.13 -14.78 10.79
CA VAL A 224 0.29 -15.16 9.38
C VAL A 224 1.48 -14.48 8.74
N ALA A 225 1.84 -13.24 9.07
CA ALA A 225 2.94 -12.55 8.41
C ALA A 225 4.23 -13.25 8.78
N GLY A 226 4.41 -13.60 10.04
CA GLY A 226 5.54 -14.39 10.46
C GLY A 226 5.51 -15.80 9.86
N ILE A 227 4.39 -16.51 9.68
CA ILE A 227 4.40 -17.80 9.00
C ILE A 227 4.84 -17.73 7.53
N LEU A 228 4.33 -16.75 6.76
CA LEU A 228 4.68 -16.63 5.37
C LEU A 228 5.91 -15.81 5.02
N THR A 229 6.27 -14.82 5.81
CA THR A 229 7.34 -13.87 5.67
C THR A 229 7.00 -12.87 4.54
N VAL A 230 7.69 -11.74 4.46
CA VAL A 230 7.51 -10.74 3.40
C VAL A 230 7.48 -11.32 1.99
N LYS A 231 8.22 -12.40 1.72
CA LYS A 231 8.22 -13.08 0.41
C LYS A 231 7.01 -13.99 0.21
N GLY A 232 6.39 -14.38 1.33
CA GLY A 232 5.29 -15.32 1.36
C GLY A 232 4.18 -15.05 0.37
N GLY A 233 3.46 -13.94 0.38
CA GLY A 233 2.29 -13.85 -0.47
C GLY A 233 2.58 -13.43 -1.88
N THR A 234 3.79 -13.36 -2.41
CA THR A 234 4.00 -12.79 -3.74
C THR A 234 3.21 -13.58 -4.75
N GLY A 235 2.50 -12.81 -5.54
CA GLY A 235 1.77 -13.35 -6.67
C GLY A 235 0.47 -14.03 -6.27
N ALA A 236 0.06 -13.98 -5.00
CA ALA A 236 -1.19 -14.61 -4.59
C ALA A 236 -2.17 -13.69 -3.88
N ILE A 237 -3.43 -14.11 -3.72
CA ILE A 237 -4.40 -13.35 -2.95
C ILE A 237 -4.60 -14.17 -1.70
N VAL A 238 -4.57 -13.63 -0.51
CA VAL A 238 -4.81 -14.45 0.67
C VAL A 238 -6.34 -14.48 0.83
N GLU A 239 -6.98 -15.63 1.00
CA GLU A 239 -8.44 -15.75 1.15
C GLU A 239 -8.75 -16.40 2.50
N TYR A 240 -9.45 -15.65 3.36
CA TYR A 240 -9.71 -16.07 4.71
C TYR A 240 -11.05 -16.76 4.74
N HIS A 241 -11.19 -17.89 5.42
CA HIS A 241 -12.41 -18.71 5.43
C HIS A 241 -12.46 -19.58 6.68
N GLY A 242 -13.53 -20.28 6.99
CA GLY A 242 -13.60 -21.13 8.16
C GLY A 242 -14.83 -20.82 8.99
N PRO A 243 -15.14 -21.52 10.08
CA PRO A 243 -16.09 -21.07 11.10
C PRO A 243 -15.59 -19.83 11.85
N GLY A 244 -14.29 -19.71 12.11
CA GLY A 244 -13.76 -18.55 12.83
C GLY A 244 -13.95 -17.17 12.22
N VAL A 245 -14.21 -17.00 10.92
CA VAL A 245 -14.42 -15.69 10.29
C VAL A 245 -15.47 -14.84 10.98
N ASP A 246 -16.58 -15.51 11.32
CA ASP A 246 -17.70 -14.83 11.95
C ASP A 246 -17.45 -14.43 13.41
N SER A 247 -16.26 -14.72 13.97
CA SER A 247 -15.95 -14.22 15.29
C SER A 247 -15.19 -12.94 15.04
N ILE A 248 -14.98 -12.39 13.83
CA ILE A 248 -14.23 -11.15 13.67
C ILE A 248 -15.21 -10.10 13.13
N SER A 249 -15.04 -8.86 13.56
CA SER A 249 -15.87 -7.73 13.14
C SER A 249 -15.49 -7.35 11.72
N CYS A 250 -16.26 -6.53 11.02
CA CYS A 250 -15.91 -6.14 9.71
C CYS A 250 -14.62 -5.28 9.73
N THR A 251 -14.47 -4.34 10.66
CA THR A 251 -13.29 -3.55 10.66
C THR A 251 -12.10 -4.37 11.12
N GLY A 252 -12.21 -5.46 11.90
CA GLY A 252 -11.12 -6.37 12.18
C GLY A 252 -10.64 -7.11 10.92
N MET A 253 -11.52 -7.57 10.05
CA MET A 253 -11.14 -8.21 8.80
C MET A 253 -10.36 -7.25 7.92
N ALA A 254 -10.78 -5.98 7.85
CA ALA A 254 -10.05 -4.93 7.15
C ALA A 254 -8.67 -4.72 7.75
N THR A 255 -8.45 -4.74 9.07
CA THR A 255 -7.11 -4.73 9.65
C THR A 255 -6.25 -5.88 9.08
N ILE A 256 -6.82 -7.09 8.99
CA ILE A 256 -6.11 -8.28 8.52
C ILE A 256 -5.82 -8.13 7.04
N CYS A 257 -6.73 -7.76 6.17
CA CYS A 257 -6.45 -7.64 4.77
C CYS A 257 -5.40 -6.56 4.49
N ASN A 258 -5.47 -5.38 5.16
CA ASN A 258 -4.54 -4.28 5.06
C ASN A 258 -3.05 -4.67 5.18
N MET A 259 -2.65 -5.31 6.30
CA MET A 259 -1.31 -5.77 6.52
C MET A 259 -0.92 -6.98 5.64
N GLY A 260 -1.83 -7.63 4.93
CA GLY A 260 -1.43 -8.66 3.98
C GLY A 260 -0.54 -8.03 2.90
N ALA A 261 -0.57 -6.69 2.77
CA ALA A 261 0.33 -6.00 1.84
C ALA A 261 1.82 -6.24 2.11
N GLU A 262 2.04 -6.41 3.41
CA GLU A 262 3.33 -6.61 3.99
C GLU A 262 3.92 -7.97 3.70
N ILE A 263 3.14 -8.94 3.24
CA ILE A 263 3.73 -10.17 2.85
C ILE A 263 3.75 -10.28 1.33
N GLY A 264 3.45 -9.20 0.60
CA GLY A 264 3.55 -9.20 -0.85
C GLY A 264 2.41 -9.79 -1.65
N ALA A 265 1.26 -10.03 -0.96
CA ALA A 265 0.06 -10.60 -1.53
C ALA A 265 -0.56 -9.63 -2.51
N THR A 266 -1.18 -10.01 -3.62
CA THR A 266 -1.81 -9.06 -4.54
C THR A 266 -2.95 -8.35 -3.82
N THR A 267 -3.66 -9.02 -2.89
CA THR A 267 -4.70 -8.48 -2.02
C THR A 267 -5.16 -9.61 -1.09
N SER A 268 -6.09 -9.38 -0.19
CA SER A 268 -6.61 -10.37 0.72
C SER A 268 -8.11 -10.14 0.78
N VAL A 269 -8.95 -11.15 1.07
CA VAL A 269 -10.41 -10.96 1.15
C VAL A 269 -11.05 -11.92 2.17
N PHE A 270 -12.25 -11.52 2.64
CA PHE A 270 -13.08 -12.30 3.54
C PHE A 270 -14.42 -12.51 2.86
N PRO A 271 -15.19 -13.59 3.11
CA PRO A 271 -16.45 -13.84 2.44
C PRO A 271 -17.56 -13.06 3.08
N TYR A 272 -18.49 -12.51 2.30
CA TYR A 272 -19.64 -11.84 2.90
C TYR A 272 -20.32 -12.65 4.01
N ASN A 273 -20.63 -11.91 5.06
CA ASN A 273 -21.28 -12.47 6.22
C ASN A 273 -21.99 -11.41 7.09
N HIS A 274 -22.54 -11.90 8.21
CA HIS A 274 -23.39 -11.10 9.04
C HIS A 274 -22.67 -9.93 9.65
N ARG A 275 -21.37 -10.01 9.88
CA ARG A 275 -20.65 -8.92 10.46
C ARG A 275 -20.57 -7.80 9.43
N MET A 276 -20.36 -8.11 8.15
CA MET A 276 -20.28 -7.10 7.12
C MET A 276 -21.65 -6.48 6.95
N LYS A 277 -22.72 -7.27 7.10
CA LYS A 277 -24.07 -6.79 6.93
C LYS A 277 -24.40 -5.71 7.94
N LYS A 278 -24.06 -6.00 9.20
CA LYS A 278 -24.19 -5.14 10.35
C LYS A 278 -23.42 -3.86 10.05
N TYR A 279 -22.13 -3.87 9.69
CA TYR A 279 -21.39 -2.67 9.34
C TYR A 279 -22.01 -1.95 8.14
N LEU A 280 -22.40 -2.62 7.06
CA LEU A 280 -23.03 -1.92 5.95
C LEU A 280 -24.28 -1.17 6.41
N SER A 281 -25.13 -1.74 7.23
CA SER A 281 -26.29 -1.04 7.71
C SER A 281 -25.93 0.11 8.61
N LYS A 282 -24.98 -0.05 9.53
CA LYS A 282 -24.65 1.04 10.43
C LYS A 282 -23.89 2.15 9.73
N THR A 283 -23.43 2.00 8.50
CA THR A 283 -22.75 3.08 7.80
C THR A 283 -23.58 3.58 6.63
N GLY A 284 -24.90 3.53 6.78
CA GLY A 284 -25.79 4.12 5.80
C GLY A 284 -25.92 3.35 4.53
N ARG A 285 -25.60 2.05 4.51
CA ARG A 285 -25.74 1.24 3.30
C ARG A 285 -26.58 -0.06 3.47
N ALA A 286 -27.64 -0.05 4.29
CA ALA A 286 -28.50 -1.22 4.50
C ALA A 286 -29.00 -1.74 3.20
N ASP A 287 -29.21 -0.92 2.20
CA ASP A 287 -29.75 -1.38 0.93
C ASP A 287 -28.74 -2.24 0.18
N ILE A 288 -27.47 -1.89 0.28
CA ILE A 288 -26.38 -2.68 -0.28
C ILE A 288 -26.40 -4.00 0.46
N ALA A 289 -26.59 -4.05 1.77
CA ALA A 289 -26.61 -5.32 2.47
C ALA A 289 -27.80 -6.22 2.05
N ASN A 290 -28.92 -5.59 1.68
CA ASN A 290 -30.10 -6.33 1.24
C ASN A 290 -29.85 -6.86 -0.14
N LEU A 291 -29.18 -6.15 -1.04
CA LEU A 291 -28.94 -6.63 -2.40
C LEU A 291 -28.03 -7.86 -2.36
N ALA A 292 -26.95 -7.69 -1.57
CA ALA A 292 -25.89 -8.65 -1.32
C ALA A 292 -26.39 -9.95 -0.69
N ASP A 293 -27.39 -9.89 0.20
CA ASP A 293 -28.03 -11.09 0.74
C ASP A 293 -28.64 -11.83 -0.44
N GLU A 294 -29.21 -11.13 -1.41
CA GLU A 294 -29.82 -11.86 -2.50
C GLU A 294 -28.85 -12.49 -3.47
N PHE A 295 -27.62 -11.95 -3.48
CA PHE A 295 -26.62 -12.52 -4.32
C PHE A 295 -25.54 -13.22 -3.54
N LYS A 296 -25.82 -13.65 -2.29
CA LYS A 296 -24.82 -14.22 -1.42
C LYS A 296 -24.08 -15.44 -1.93
N ASP A 297 -24.66 -16.30 -2.80
CA ASP A 297 -24.02 -17.50 -3.38
C ASP A 297 -22.76 -17.09 -4.15
N HIS A 298 -22.76 -15.87 -4.69
CA HIS A 298 -21.66 -15.35 -5.46
C HIS A 298 -20.68 -14.58 -4.60
N LEU A 299 -20.94 -14.30 -3.33
CA LEU A 299 -20.01 -13.55 -2.48
C LEU A 299 -19.35 -14.41 -1.38
N VAL A 300 -19.43 -15.75 -1.51
CA VAL A 300 -18.80 -16.73 -0.64
C VAL A 300 -18.06 -17.69 -1.57
N PRO A 301 -17.09 -18.49 -1.13
CA PRO A 301 -16.40 -19.42 -2.01
C PRO A 301 -17.23 -20.63 -2.35
N ASP A 302 -17.12 -21.25 -3.52
CA ASP A 302 -17.84 -22.49 -3.77
C ASP A 302 -17.34 -23.53 -2.80
N PRO A 303 -18.18 -24.45 -2.34
CA PRO A 303 -17.84 -25.63 -1.55
C PRO A 303 -16.83 -26.51 -2.23
N GLY A 304 -15.79 -26.94 -1.54
CA GLY A 304 -14.74 -27.68 -2.19
C GLY A 304 -13.80 -26.93 -3.12
N CYS A 305 -13.60 -25.62 -3.07
CA CYS A 305 -12.65 -24.98 -3.98
C CYS A 305 -11.22 -25.26 -3.52
N HIS A 306 -10.26 -25.21 -4.45
CA HIS A 306 -8.91 -25.54 -4.15
C HIS A 306 -8.00 -24.32 -4.03
N TYR A 307 -7.42 -24.20 -2.86
CA TYR A 307 -6.49 -23.15 -2.54
C TYR A 307 -5.12 -23.68 -2.86
N ASP A 308 -4.19 -22.86 -3.29
CA ASP A 308 -2.86 -23.36 -3.66
C ASP A 308 -1.98 -23.60 -2.50
N GLN A 309 -2.46 -23.30 -1.32
CA GLN A 309 -1.72 -23.46 -0.07
C GLN A 309 -2.73 -23.16 1.01
N VAL A 310 -2.88 -23.95 2.09
CA VAL A 310 -3.83 -23.68 3.12
C VAL A 310 -3.06 -23.51 4.41
N ILE A 311 -3.37 -22.54 5.27
CA ILE A 311 -2.71 -22.29 6.55
C ILE A 311 -3.90 -22.29 7.46
N GLU A 312 -3.78 -23.00 8.56
CA GLU A 312 -4.83 -23.08 9.54
C GLU A 312 -4.45 -22.34 10.84
N ILE A 313 -5.29 -21.44 11.36
CA ILE A 313 -5.00 -20.72 12.57
C ILE A 313 -6.19 -20.86 13.46
N ASN A 314 -5.78 -21.34 14.64
CA ASN A 314 -6.73 -21.54 15.71
C ASN A 314 -6.79 -20.24 16.48
N LEU A 315 -7.88 -19.52 16.31
CA LEU A 315 -8.04 -18.25 17.02
C LEU A 315 -8.11 -18.44 18.56
N SER A 316 -8.77 -19.48 19.13
CA SER A 316 -8.86 -19.67 20.58
C SER A 316 -7.47 -19.89 21.19
N GLU A 317 -6.55 -20.57 20.53
CA GLU A 317 -5.19 -20.63 21.03
C GLU A 317 -4.44 -19.33 20.76
N LEU A 318 -5.02 -18.34 20.04
CA LEU A 318 -4.16 -17.23 19.63
C LEU A 318 -3.95 -16.30 20.81
N LYS A 319 -2.72 -15.75 20.88
CA LYS A 319 -2.30 -14.85 21.94
C LYS A 319 -1.58 -13.65 21.38
N PRO A 320 -1.53 -12.48 22.05
CA PRO A 320 -1.04 -11.22 21.50
C PRO A 320 0.36 -11.26 20.97
N HIS A 321 0.63 -10.67 19.83
CA HIS A 321 1.90 -10.69 19.16
C HIS A 321 2.39 -9.28 18.97
N ILE A 322 3.70 -9.06 18.83
CA ILE A 322 4.24 -7.76 18.59
C ILE A 322 5.41 -8.12 17.67
N ASN A 323 5.37 -7.47 16.51
CA ASN A 323 6.21 -7.86 15.42
C ASN A 323 7.22 -6.78 15.13
N GLY A 324 8.48 -7.18 14.99
CA GLY A 324 9.55 -6.24 14.75
C GLY A 324 10.77 -6.58 15.62
N PRO A 325 11.80 -5.75 15.61
CA PRO A 325 11.75 -4.43 15.08
C PRO A 325 12.10 -4.07 13.65
N PHE A 326 12.59 -4.82 12.68
CA PHE A 326 12.82 -4.11 11.41
C PHE A 326 12.12 -4.64 10.21
N THR A 327 11.30 -5.66 10.42
CA THR A 327 10.45 -6.22 9.40
C THR A 327 9.14 -6.50 10.10
N PRO A 328 7.99 -6.56 9.45
CA PRO A 328 6.74 -7.03 10.02
C PRO A 328 6.63 -8.56 10.13
N ASP A 329 7.54 -9.37 9.61
CA ASP A 329 7.46 -10.81 9.81
C ASP A 329 8.32 -11.32 10.94
N LEU A 330 9.25 -10.60 11.55
CA LEU A 330 9.85 -11.11 12.78
C LEU A 330 8.77 -11.03 13.85
N ALA A 331 8.10 -12.18 14.06
CA ALA A 331 6.96 -12.30 14.97
C ALA A 331 7.23 -12.64 16.42
N HIS A 332 6.64 -12.03 17.48
CA HIS A 332 6.87 -12.37 18.89
C HIS A 332 5.59 -12.42 19.70
N PRO A 333 5.37 -13.37 20.60
CA PRO A 333 4.34 -13.34 21.63
C PRO A 333 4.62 -12.16 22.57
N VAL A 334 3.56 -11.46 23.03
CA VAL A 334 3.81 -10.27 23.84
C VAL A 334 4.33 -10.82 25.17
N ALA A 335 3.95 -12.03 25.63
CA ALA A 335 4.66 -12.67 26.74
C ALA A 335 6.20 -12.72 26.46
N GLU A 336 6.74 -13.25 25.38
CA GLU A 336 8.20 -13.23 25.16
C GLU A 336 8.94 -11.95 24.82
N VAL A 337 8.33 -10.88 24.30
CA VAL A 337 9.12 -9.84 23.72
C VAL A 337 10.12 -9.25 24.71
N GLY A 338 9.80 -9.04 26.00
CA GLY A 338 10.81 -8.44 26.94
C GLY A 338 12.19 -9.13 26.92
N SER A 339 12.07 -10.45 27.14
CA SER A 339 13.17 -11.39 27.09
C SER A 339 13.98 -11.12 25.83
N VAL A 340 13.34 -11.25 24.64
CA VAL A 340 14.10 -11.21 23.41
C VAL A 340 14.76 -9.87 23.30
N ALA A 341 14.02 -8.84 23.75
CA ALA A 341 14.61 -7.51 23.70
C ALA A 341 15.93 -7.41 24.51
N GLU A 342 16.09 -8.07 25.68
CA GLU A 342 17.33 -7.97 26.45
C GLU A 342 18.35 -8.86 25.83
N LYS A 343 18.07 -10.08 25.37
CA LYS A 343 19.14 -10.85 24.72
C LYS A 343 19.66 -10.23 23.42
N GLU A 344 18.79 -9.58 22.67
CA GLU A 344 19.10 -9.01 21.36
C GLU A 344 19.64 -7.58 21.40
N GLY A 345 19.30 -6.88 22.49
CA GLY A 345 19.86 -5.55 22.71
C GLY A 345 18.91 -4.48 22.22
N TRP A 346 17.59 -4.74 22.24
CA TRP A 346 16.64 -3.72 21.82
C TRP A 346 16.17 -2.91 23.05
N PRO A 347 16.02 -1.57 22.91
CA PRO A 347 15.86 -0.62 23.99
C PRO A 347 14.58 -0.94 24.66
N LEU A 348 14.67 -1.18 25.95
CA LEU A 348 13.52 -1.63 26.66
C LEU A 348 12.45 -0.58 26.99
N ASP A 349 12.77 0.70 27.17
CA ASP A 349 11.69 1.58 27.57
C ASP A 349 11.20 2.17 26.28
N ILE A 350 9.88 2.18 26.28
CA ILE A 350 9.05 2.65 25.20
C ILE A 350 8.97 4.17 25.22
N ARG A 351 9.65 4.76 24.23
CA ARG A 351 9.71 6.21 24.04
C ARG A 351 8.34 6.80 23.61
N VAL A 352 7.84 6.36 22.44
CA VAL A 352 6.57 6.83 21.91
C VAL A 352 5.65 5.64 21.58
N GLY A 353 4.42 5.79 22.02
CA GLY A 353 3.37 4.83 21.73
C GLY A 353 2.42 5.53 20.76
N LEU A 354 2.25 5.04 19.53
CA LEU A 354 1.39 5.65 18.51
C LEU A 354 0.24 4.70 18.14
N ILE A 355 -1.04 5.05 18.29
CA ILE A 355 -2.13 4.19 17.89
C ILE A 355 -2.88 4.84 16.75
N GLY A 356 -3.73 4.09 16.06
CA GLY A 356 -4.55 4.62 14.98
C GLY A 356 -3.97 4.30 13.62
N SER A 357 -4.15 5.30 12.74
CA SER A 357 -4.02 5.22 11.29
C SER A 357 -5.20 4.39 10.73
N CYS A 358 -5.20 4.10 9.44
CA CYS A 358 -6.26 3.29 8.82
C CYS A 358 -6.24 1.81 9.21
N THR A 359 -5.08 1.24 9.59
CA THR A 359 -5.06 -0.14 10.01
C THR A 359 -5.73 -0.30 11.35
N ASN A 360 -5.74 0.65 12.29
CA ASN A 360 -6.28 0.28 13.60
C ASN A 360 -6.89 1.47 14.31
N SER A 361 -8.00 1.97 13.71
CA SER A 361 -8.75 3.13 14.13
C SER A 361 -10.24 2.92 13.96
N SER A 362 -10.76 1.72 14.09
CA SER A 362 -12.19 1.59 14.00
C SER A 362 -12.79 2.11 15.29
N TYR A 363 -14.10 2.26 15.36
CA TYR A 363 -14.76 2.59 16.61
C TYR A 363 -14.41 1.56 17.72
N GLU A 364 -14.28 0.28 17.37
CA GLU A 364 -13.88 -0.81 18.25
C GLU A 364 -12.46 -0.67 18.77
N ASP A 365 -11.55 -0.23 17.92
CA ASP A 365 -10.16 -0.11 18.33
C ASP A 365 -10.00 1.04 19.29
N MET A 366 -10.63 2.19 18.99
CA MET A 366 -10.52 3.38 19.81
C MET A 366 -11.11 3.10 21.16
N GLY A 367 -12.29 2.45 21.15
CA GLY A 367 -12.92 2.04 22.39
C GLY A 367 -12.12 1.01 23.18
N ARG A 368 -11.62 -0.09 22.60
CA ARG A 368 -10.85 -1.09 23.35
C ARG A 368 -9.66 -0.33 23.92
N SER A 369 -9.07 0.67 23.23
CA SER A 369 -7.93 1.34 23.86
C SER A 369 -8.37 2.17 25.05
N ALA A 370 -9.53 2.80 24.93
CA ALA A 370 -10.01 3.63 25.99
C ALA A 370 -10.34 2.73 27.16
N ALA A 371 -10.85 1.53 26.91
CA ALA A 371 -11.25 0.65 27.99
C ALA A 371 -10.04 0.31 28.82
N VAL A 372 -8.84 0.36 28.25
CA VAL A 372 -7.61 0.14 29.00
C VAL A 372 -7.31 1.44 29.76
N ALA A 373 -7.26 2.56 29.03
CA ALA A 373 -7.01 3.86 29.63
C ALA A 373 -7.83 4.14 30.88
N LYS A 374 -9.17 3.98 30.80
CA LYS A 374 -10.09 4.22 31.89
C LYS A 374 -9.58 3.50 33.16
N GLN A 375 -9.04 2.27 32.99
CA GLN A 375 -8.55 1.47 34.10
C GLN A 375 -7.35 2.07 34.76
N ALA A 376 -6.40 2.51 33.94
CA ALA A 376 -5.20 3.14 34.45
C ALA A 376 -5.61 4.45 35.14
N LEU A 377 -6.60 5.18 34.57
CA LEU A 377 -7.06 6.43 35.13
C LEU A 377 -7.68 6.15 36.48
N ALA A 378 -8.45 5.10 36.67
CA ALA A 378 -9.00 4.79 38.01
C ALA A 378 -7.90 4.45 39.05
N HIS A 379 -6.61 4.56 38.73
CA HIS A 379 -5.59 4.32 39.72
C HIS A 379 -4.54 5.43 39.60
N GLY A 380 -5.00 6.59 39.11
CA GLY A 380 -4.17 7.77 39.07
C GLY A 380 -2.91 7.57 38.29
N LEU A 381 -3.04 6.74 37.26
CA LEU A 381 -1.93 6.55 36.30
C LEU A 381 -2.11 7.34 35.00
N LYS A 382 -1.08 7.45 34.20
CA LYS A 382 -1.12 8.28 33.02
C LYS A 382 -0.12 7.61 32.06
N CYS A 383 0.04 7.91 30.79
CA CYS A 383 1.05 7.24 29.98
C CYS A 383 2.44 7.67 30.42
N LYS A 384 3.23 6.64 30.70
CA LYS A 384 4.64 6.75 31.05
C LYS A 384 5.37 7.19 29.81
N SER A 385 4.88 6.70 28.67
CA SER A 385 5.46 7.03 27.37
C SER A 385 4.65 8.16 26.70
N GLN A 386 5.26 8.75 25.67
CA GLN A 386 4.60 9.76 24.87
C GLN A 386 3.50 8.95 24.18
N PHE A 387 2.40 9.55 23.75
CA PHE A 387 1.27 8.75 23.26
C PHE A 387 0.57 9.45 22.13
N THR A 388 0.45 8.99 20.87
CA THR A 388 -0.29 9.76 19.86
C THR A 388 -1.44 8.89 19.36
N ILE A 389 -2.49 9.53 18.86
CA ILE A 389 -3.71 8.82 18.44
C ILE A 389 -3.96 9.41 17.05
N THR A 390 -4.01 8.66 15.95
CA THR A 390 -4.42 9.27 14.69
C THR A 390 -5.80 8.74 14.29
N PRO A 391 -6.88 9.51 14.32
CA PRO A 391 -8.20 9.02 13.85
C PRO A 391 -8.19 8.79 12.36
N GLY A 392 -8.84 7.72 11.92
CA GLY A 392 -8.81 7.34 10.53
C GLY A 392 -9.64 8.21 9.63
N SER A 393 -10.77 8.75 10.08
CA SER A 393 -11.54 9.69 9.29
C SER A 393 -12.15 10.73 10.27
N GLU A 394 -12.68 11.84 9.74
CA GLU A 394 -13.45 12.84 10.49
C GLU A 394 -14.66 12.13 11.10
N GLN A 395 -15.31 11.15 10.46
CA GLN A 395 -16.40 10.40 11.12
C GLN A 395 -15.96 9.64 12.39
N ILE A 396 -14.75 9.02 12.43
CA ILE A 396 -14.33 8.31 13.63
C ILE A 396 -13.91 9.36 14.60
N ARG A 397 -13.30 10.47 14.19
CA ARG A 397 -12.97 11.54 15.12
C ARG A 397 -14.24 12.13 15.71
N ALA A 398 -15.18 12.74 14.95
CA ALA A 398 -16.45 13.23 15.50
C ALA A 398 -17.15 12.13 16.34
N THR A 399 -17.40 10.90 15.91
CA THR A 399 -18.02 9.88 16.72
C THR A 399 -17.26 9.56 18.00
N ILE A 400 -15.97 9.30 18.04
CA ILE A 400 -15.40 8.90 19.33
C ILE A 400 -15.27 10.08 20.29
N GLU A 401 -15.16 11.28 19.69
CA GLU A 401 -15.13 12.49 20.48
C GLU A 401 -16.51 12.57 21.21
N ARG A 402 -17.59 12.58 20.47
CA ARG A 402 -18.93 12.57 21.06
C ARG A 402 -19.17 11.46 22.10
N ASP A 403 -18.80 10.18 21.85
CA ASP A 403 -19.08 9.12 22.81
C ASP A 403 -18.07 9.06 23.93
N GLY A 404 -17.10 9.95 24.01
CA GLY A 404 -16.30 10.03 25.20
C GLY A 404 -14.88 9.50 25.02
N TYR A 405 -14.68 8.47 24.17
CA TYR A 405 -13.38 7.85 24.08
C TYR A 405 -12.24 8.83 23.89
N ALA A 406 -12.40 9.90 23.12
CA ALA A 406 -11.29 10.81 22.87
C ALA A 406 -10.85 11.55 24.12
N GLN A 407 -11.76 11.78 25.03
CA GLN A 407 -11.40 12.49 26.24
C GLN A 407 -10.68 11.54 27.20
N VAL A 408 -10.99 10.23 27.24
CA VAL A 408 -10.19 9.33 28.08
C VAL A 408 -8.70 9.28 27.67
N LEU A 409 -8.56 9.36 26.34
CA LEU A 409 -7.30 9.13 25.72
C LEU A 409 -6.41 10.33 25.95
N ARG A 410 -6.96 11.55 25.83
CA ARG A 410 -6.21 12.73 26.22
C ARG A 410 -5.93 12.74 27.74
N ASP A 411 -6.89 12.38 28.59
CA ASP A 411 -6.62 12.33 30.02
C ASP A 411 -5.52 11.40 30.46
N VAL A 412 -5.20 10.29 29.79
CA VAL A 412 -3.97 9.56 30.12
C VAL A 412 -2.78 10.27 29.50
N GLY A 413 -2.86 11.31 28.66
CA GLY A 413 -1.64 11.97 28.21
C GLY A 413 -1.44 11.86 26.70
N GLY A 414 -2.43 11.44 25.93
CA GLY A 414 -2.20 11.33 24.51
C GLY A 414 -2.61 12.58 23.76
N ILE A 415 -1.91 12.84 22.66
CA ILE A 415 -2.30 13.92 21.80
C ILE A 415 -2.95 13.32 20.56
N VAL A 416 -4.17 13.84 20.22
CA VAL A 416 -4.89 13.44 19.02
C VAL A 416 -4.40 14.18 17.77
N LEU A 417 -3.78 13.46 16.85
CA LEU A 417 -3.22 13.97 15.59
C LEU A 417 -4.34 14.21 14.56
N ALA A 418 -4.13 14.94 13.46
CA ALA A 418 -5.07 15.16 12.38
C ALA A 418 -5.47 13.86 11.74
N ASN A 419 -6.61 13.75 11.05
CA ASN A 419 -7.03 12.45 10.51
C ASN A 419 -6.24 12.20 9.23
N ALA A 420 -4.95 11.88 9.30
CA ALA A 420 -4.11 11.74 8.14
C ALA A 420 -2.99 10.77 8.46
N CYS A 421 -2.27 10.20 7.51
CA CYS A 421 -1.19 9.26 7.72
C CYS A 421 -0.13 9.65 8.75
N GLY A 422 0.44 10.85 8.54
CA GLY A 422 1.43 11.41 9.43
C GLY A 422 2.58 10.45 9.70
N PRO A 423 2.84 10.11 10.95
CA PRO A 423 3.93 9.19 11.35
C PRO A 423 3.88 7.81 10.69
N CYS A 424 2.73 7.36 10.18
CA CYS A 424 2.67 6.08 9.44
C CYS A 424 3.46 6.15 8.10
N ILE A 425 3.56 7.28 7.37
CA ILE A 425 4.42 7.33 6.19
C ILE A 425 5.67 8.04 6.66
N GLY A 426 5.80 8.38 7.96
CA GLY A 426 6.99 9.13 8.40
C GLY A 426 6.93 10.62 8.19
N GLN A 427 5.74 11.19 8.09
CA GLN A 427 5.48 12.62 7.88
C GLN A 427 5.33 13.14 9.32
N TRP A 428 6.44 13.49 9.99
CA TRP A 428 6.43 13.71 11.44
C TRP A 428 7.64 14.54 11.83
N ASP A 429 7.40 15.62 12.62
CA ASP A 429 8.47 16.42 13.16
C ASP A 429 8.60 15.84 14.55
N ARG A 430 9.62 15.02 14.71
CA ARG A 430 9.83 14.33 15.97
C ARG A 430 10.74 15.20 16.84
N LYS A 431 10.74 15.11 18.18
CA LYS A 431 11.61 15.94 18.99
C LYS A 431 12.22 15.23 20.16
N ASP A 432 11.51 14.25 20.70
CA ASP A 432 12.05 13.54 21.85
C ASP A 432 13.40 12.90 21.57
N ILE A 433 13.85 12.68 20.33
CA ILE A 433 15.14 12.01 20.14
C ILE A 433 16.13 12.80 19.32
N LYS A 434 17.44 12.66 19.61
CA LYS A 434 18.48 13.26 18.76
C LYS A 434 18.60 12.32 17.55
N LYS A 435 18.80 12.69 16.27
CA LYS A 435 18.94 11.65 15.25
C LYS A 435 20.15 10.73 15.52
N GLY A 436 19.97 9.42 15.25
CA GLY A 436 20.96 8.41 15.54
C GLY A 436 20.60 7.74 16.87
N GLU A 437 19.82 8.39 17.76
CA GLU A 437 19.47 7.81 19.06
C GLU A 437 18.92 6.46 18.82
N LYS A 438 19.26 5.53 19.72
CA LYS A 438 18.78 4.19 19.56
C LYS A 438 17.51 4.28 20.39
N ASN A 439 16.30 3.99 19.94
CA ASN A 439 15.16 4.03 20.88
C ASN A 439 14.05 3.15 20.36
N THR A 440 13.12 2.73 21.19
CA THR A 440 12.01 1.90 20.77
C THR A 440 10.73 2.70 20.73
N ILE A 441 10.01 2.58 19.61
CA ILE A 441 8.66 3.14 19.54
C ILE A 441 7.72 1.95 19.32
N VAL A 442 6.45 2.01 19.64
CA VAL A 442 5.59 0.85 19.43
C VAL A 442 4.33 1.46 18.76
N THR A 443 3.86 0.91 17.63
CA THR A 443 2.75 1.47 16.93
C THR A 443 1.65 0.43 16.73
N SER A 444 0.46 0.92 16.41
CA SER A 444 -0.56 0.00 15.92
C SER A 444 -0.55 0.10 14.39
N TYR A 445 0.56 0.38 13.71
CA TYR A 445 0.50 0.56 12.29
C TYR A 445 0.75 -0.76 11.57
N ASN A 446 1.25 -0.75 10.33
CA ASN A 446 1.45 -1.99 9.62
C ASN A 446 2.93 -2.19 9.29
N ARG A 447 3.55 -1.31 8.52
CA ARG A 447 4.97 -1.37 8.16
C ARG A 447 5.92 -0.84 9.27
N ASN A 448 7.06 -1.48 9.59
CA ASN A 448 8.07 -0.97 10.56
C ASN A 448 9.48 -1.11 9.98
N PHE A 449 9.51 -0.96 8.66
CA PHE A 449 10.76 -1.03 7.91
C PHE A 449 11.64 0.11 8.42
N THR A 450 12.97 -0.07 8.39
CA THR A 450 13.93 0.92 8.90
C THR A 450 13.68 2.30 8.36
N GLY A 451 13.49 3.26 9.27
CA GLY A 451 13.39 4.64 8.88
C GLY A 451 12.04 5.05 8.33
N ARG A 452 11.10 4.09 8.34
CA ARG A 452 9.77 4.38 7.88
C ARG A 452 9.15 5.46 8.72
N ASN A 453 9.16 5.36 10.04
CA ASN A 453 8.39 6.29 10.80
C ASN A 453 9.04 7.62 11.10
N ASP A 454 10.36 7.78 11.34
CA ASP A 454 11.00 9.08 11.67
C ASP A 454 12.31 9.32 10.94
N ALA A 455 12.67 8.39 10.06
CA ALA A 455 13.88 8.39 9.29
C ALA A 455 15.08 8.34 10.23
N ASN A 456 14.95 7.70 11.38
CA ASN A 456 16.06 7.47 12.27
C ASN A 456 16.42 6.03 11.91
N PRO A 457 17.60 5.75 11.31
CA PRO A 457 18.00 4.41 10.97
C PRO A 457 17.99 3.53 12.20
N GLU A 458 18.26 4.07 13.41
CA GLU A 458 18.23 3.27 14.62
C GLU A 458 16.94 3.27 15.42
N THR A 459 15.82 3.92 15.00
CA THR A 459 14.60 3.73 15.83
C THR A 459 14.05 2.34 15.55
N HIS A 460 13.93 1.60 16.63
CA HIS A 460 13.44 0.22 16.56
C HIS A 460 11.95 0.36 16.75
N ALA A 461 11.15 -0.09 15.79
CA ALA A 461 9.68 -0.02 15.87
C ALA A 461 9.03 -1.41 15.77
N PHE A 462 7.99 -1.57 16.58
CA PHE A 462 7.24 -2.81 16.79
C PHE A 462 5.77 -2.47 16.55
N VAL A 463 5.06 -3.38 15.85
CA VAL A 463 3.68 -3.19 15.49
C VAL A 463 2.88 -4.22 16.26
N THR A 464 1.76 -3.76 16.77
CA THR A 464 0.90 -4.63 17.52
C THR A 464 -0.50 -4.00 17.43
N SER A 465 -1.43 -4.35 18.31
CA SER A 465 -2.81 -3.89 18.35
C SER A 465 -2.89 -2.59 19.14
N PRO A 466 -3.86 -1.68 18.96
CA PRO A 466 -3.96 -0.43 19.71
C PRO A 466 -4.05 -0.63 21.24
N GLU A 467 -4.89 -1.50 21.79
CA GLU A 467 -4.96 -1.83 23.21
C GLU A 467 -3.63 -2.28 23.81
N ILE A 468 -2.81 -3.05 23.14
CA ILE A 468 -1.51 -3.43 23.64
C ILE A 468 -0.59 -2.25 23.51
N VAL A 469 -0.69 -1.36 22.53
CA VAL A 469 0.17 -0.17 22.50
C VAL A 469 -0.16 0.68 23.75
N THR A 470 -1.48 0.83 24.06
CA THR A 470 -1.98 1.66 25.13
C THR A 470 -1.44 1.04 26.42
N ALA A 471 -1.65 -0.27 26.65
CA ALA A 471 -1.14 -0.93 27.86
C ALA A 471 0.37 -0.74 27.99
N LEU A 472 1.16 -0.95 26.93
CA LEU A 472 2.60 -0.81 27.05
C LEU A 472 2.93 0.68 27.16
N ALA A 473 2.07 1.60 26.72
CA ALA A 473 2.40 3.05 26.83
C ALA A 473 2.32 3.50 28.30
N ILE A 474 1.33 2.98 29.03
CA ILE A 474 1.23 3.29 30.44
C ILE A 474 2.40 2.61 31.15
N ALA A 475 2.76 1.41 30.70
CA ALA A 475 3.83 0.63 31.30
C ALA A 475 5.13 1.33 31.04
N GLY A 476 5.32 1.95 29.87
CA GLY A 476 6.61 2.52 29.52
C GLY A 476 7.65 1.44 29.17
N THR A 477 7.43 0.11 29.24
CA THR A 477 8.50 -0.78 28.83
C THR A 477 8.01 -2.02 28.07
N LEU A 478 8.85 -2.47 27.11
CA LEU A 478 8.59 -3.73 26.39
C LEU A 478 8.76 -4.88 27.36
N LYS A 479 9.11 -4.57 28.59
CA LYS A 479 9.21 -5.63 29.55
C LYS A 479 7.84 -6.01 30.05
N PHE A 480 6.81 -5.15 29.94
CA PHE A 480 5.53 -5.43 30.60
C PHE A 480 4.68 -6.38 29.82
N ASN A 481 3.97 -7.27 30.48
CA ASN A 481 3.11 -8.17 29.81
C ASN A 481 1.72 -8.06 30.33
N PRO A 482 0.84 -7.36 29.58
CA PRO A 482 -0.46 -6.85 30.04
C PRO A 482 -1.32 -7.86 30.71
N GLU A 483 -1.21 -9.11 30.20
CA GLU A 483 -2.17 -10.12 30.56
C GLU A 483 -1.74 -10.90 31.77
N THR A 484 -0.47 -10.73 32.16
CA THR A 484 0.11 -11.33 33.34
C THR A 484 0.38 -10.27 34.40
N ASP A 485 1.31 -9.38 34.14
CA ASP A 485 1.82 -8.42 35.10
C ASP A 485 0.94 -7.44 35.86
N PHE A 486 1.55 -6.89 36.91
CA PHE A 486 0.93 -5.97 37.84
C PHE A 486 1.51 -4.63 37.54
N LEU A 487 0.74 -3.58 37.86
CA LEU A 487 1.25 -2.22 37.68
C LEU A 487 1.18 -1.55 39.05
N THR A 488 2.16 -0.65 39.40
CA THR A 488 2.13 0.06 40.70
C THR A 488 1.42 1.42 40.46
N GLY A 489 0.22 1.48 41.12
CA GLY A 489 -0.71 2.60 41.05
C GLY A 489 -0.46 3.69 42.10
N LYS A 490 -0.70 4.98 41.84
CA LYS A 490 -0.32 6.13 42.68
C LYS A 490 -0.56 6.05 44.18
N ASP A 491 -1.50 5.23 44.58
CA ASP A 491 -1.98 4.87 45.92
C ASP A 491 -1.26 3.63 46.46
N GLY A 492 -0.06 3.38 45.91
CA GLY A 492 0.76 2.24 46.28
C GLY A 492 0.15 0.85 46.06
N LYS A 493 -1.16 0.53 45.87
CA LYS A 493 -1.49 -0.88 45.63
C LYS A 493 -0.99 -1.40 44.25
N LYS A 494 -1.11 -2.73 44.13
CA LYS A 494 -0.80 -3.43 42.88
C LYS A 494 -2.15 -3.74 42.29
N PHE A 495 -2.37 -3.82 40.99
CA PHE A 495 -3.64 -4.31 40.43
C PHE A 495 -3.25 -4.76 39.02
N LYS A 496 -4.13 -5.48 38.31
CA LYS A 496 -3.72 -5.80 36.96
C LYS A 496 -4.81 -5.40 36.02
N LEU A 497 -4.32 -5.03 34.84
CA LEU A 497 -5.21 -4.57 33.78
C LEU A 497 -6.10 -5.70 33.29
N GLU A 498 -7.36 -5.35 33.11
CA GLU A 498 -8.41 -6.23 32.68
C GLU A 498 -8.40 -6.06 31.15
N ALA A 499 -8.57 -7.19 30.44
CA ALA A 499 -8.65 -7.32 28.96
C ALA A 499 -9.78 -6.49 28.40
N PRO A 500 -9.59 -5.65 27.37
CA PRO A 500 -10.62 -4.72 26.97
C PRO A 500 -11.96 -5.30 26.46
N ASP A 501 -12.88 -4.54 26.99
CA ASP A 501 -14.32 -4.76 26.88
C ASP A 501 -14.82 -3.59 26.04
N ALA A 502 -15.36 -3.72 24.82
CA ALA A 502 -15.89 -2.57 24.08
C ALA A 502 -16.86 -2.86 22.95
N ASP A 503 -17.78 -1.91 22.72
CA ASP A 503 -18.76 -1.93 21.63
C ASP A 503 -18.09 -2.10 20.29
N GLU A 504 -18.69 -2.93 19.43
CA GLU A 504 -18.08 -3.14 18.11
C GLU A 504 -18.25 -1.90 17.23
N LEU A 505 -19.50 -1.42 17.24
CA LEU A 505 -20.04 -0.30 16.48
C LEU A 505 -20.94 0.51 17.39
N PRO A 506 -21.19 1.81 17.20
CA PRO A 506 -21.95 2.63 18.09
C PRO A 506 -23.38 2.15 18.29
N ARG A 507 -23.83 2.37 19.52
CA ARG A 507 -25.20 2.17 19.97
C ARG A 507 -25.95 3.18 19.11
N ALA A 508 -25.42 4.39 19.09
CA ALA A 508 -26.01 5.42 18.27
C ALA A 508 -25.64 5.26 16.78
N GLU A 509 -25.98 6.27 15.98
CA GLU A 509 -25.55 6.25 14.63
C GLU A 509 -24.21 7.00 14.64
N PHE A 510 -23.44 6.96 13.55
CA PHE A 510 -22.13 7.60 13.40
C PHE A 510 -22.28 9.04 13.01
N ASP A 511 -21.55 9.93 13.68
CA ASP A 511 -21.47 11.34 13.35
C ASP A 511 -20.56 11.53 12.09
N PRO A 512 -20.90 12.10 10.92
CA PRO A 512 -19.93 12.23 9.84
C PRO A 512 -19.09 13.48 9.87
N GLY A 513 -19.47 14.45 10.74
CA GLY A 513 -18.83 15.75 10.73
C GLY A 513 -19.24 16.51 9.47
N GLN A 514 -18.68 17.72 9.37
CA GLN A 514 -19.03 18.70 8.33
C GLN A 514 -17.90 18.97 7.35
N ASP A 515 -18.29 19.28 6.12
CA ASP A 515 -17.37 19.87 5.17
C ASP A 515 -16.27 18.99 4.69
N THR A 516 -16.52 17.71 4.50
CA THR A 516 -15.50 16.76 4.13
C THR A 516 -15.31 16.61 2.63
N TYR A 517 -16.33 16.78 1.82
CA TYR A 517 -16.21 16.40 0.42
C TYR A 517 -16.57 17.48 -0.57
N GLN A 518 -15.93 17.58 -1.75
CA GLN A 518 -16.27 18.49 -2.82
C GLN A 518 -16.87 17.66 -3.95
N HIS A 519 -18.19 17.74 -4.24
CA HIS A 519 -18.76 17.09 -5.39
C HIS A 519 -18.19 17.63 -6.68
N PRO A 520 -17.90 16.91 -7.79
CA PRO A 520 -17.65 17.49 -9.11
C PRO A 520 -18.92 18.05 -9.70
N PRO A 521 -18.84 19.19 -10.37
CA PRO A 521 -19.99 19.77 -11.05
C PRO A 521 -20.06 19.08 -12.37
N LYS A 522 -21.06 18.25 -12.70
CA LYS A 522 -21.21 17.86 -14.10
C LYS A 522 -21.42 19.13 -14.95
N ASP A 523 -21.69 20.26 -14.28
CA ASP A 523 -21.54 21.61 -14.75
C ASP A 523 -20.15 21.91 -15.36
N SER A 524 -19.36 22.76 -14.64
CA SER A 524 -18.27 23.61 -15.13
C SER A 524 -17.44 23.36 -16.41
N SER A 525 -18.17 23.33 -17.54
CA SER A 525 -17.64 23.41 -18.91
C SER A 525 -16.85 24.69 -18.84
N GLY A 526 -15.59 24.66 -18.39
CA GLY A 526 -14.87 25.88 -18.13
C GLY A 526 -14.19 25.78 -16.76
N GLN A 527 -13.79 24.56 -16.34
CA GLN A 527 -12.90 24.45 -15.19
C GLN A 527 -11.55 24.57 -15.87
N ARG A 528 -10.56 25.19 -15.20
CA ARG A 528 -9.25 25.38 -15.80
C ARG A 528 -8.28 24.99 -14.73
N VAL A 529 -7.22 24.23 -15.07
CA VAL A 529 -6.31 23.59 -14.14
C VAL A 529 -4.98 24.22 -14.53
N ASP A 530 -4.30 25.04 -13.75
CA ASP A 530 -3.14 25.69 -14.33
C ASP A 530 -1.80 25.48 -13.68
N VAL A 531 -0.96 24.56 -14.12
CA VAL A 531 0.37 24.45 -13.51
C VAL A 531 1.08 25.72 -13.95
N SER A 532 1.43 26.55 -12.99
CA SER A 532 2.31 27.70 -13.18
C SER A 532 3.51 27.16 -13.92
N PRO A 533 4.03 27.73 -15.01
CA PRO A 533 5.26 27.27 -15.69
C PRO A 533 6.41 26.88 -14.78
N THR A 534 6.79 27.70 -13.82
CA THR A 534 7.99 27.48 -13.03
C THR A 534 7.72 27.06 -11.59
N SER A 535 6.55 26.43 -11.46
CA SER A 535 6.14 25.83 -10.21
C SER A 535 7.14 24.77 -9.76
N GLN A 536 7.50 24.71 -8.50
CA GLN A 536 8.45 23.72 -8.06
C GLN A 536 7.78 22.49 -7.43
N ARG A 537 6.44 22.49 -7.45
CA ARG A 537 5.68 21.41 -6.88
C ARG A 537 4.99 20.65 -7.96
N LEU A 538 4.77 21.18 -9.15
CA LEU A 538 3.97 20.50 -10.13
C LEU A 538 4.54 20.77 -11.48
N GLN A 539 4.68 19.73 -12.29
CA GLN A 539 5.18 19.95 -13.64
C GLN A 539 4.54 19.00 -14.62
N LEU A 540 4.15 19.55 -15.77
CA LEU A 540 3.49 18.77 -16.76
C LEU A 540 4.48 17.78 -17.35
N LEU A 541 4.01 16.61 -17.75
CA LEU A 541 4.94 15.58 -18.15
C LEU A 541 5.29 15.77 -19.59
N GLU A 542 6.48 15.41 -19.93
CA GLU A 542 6.83 15.42 -21.34
C GLU A 542 7.19 14.01 -21.78
N PRO A 543 6.67 13.55 -22.93
CA PRO A 543 6.70 12.18 -23.38
C PRO A 543 8.11 11.69 -23.38
N PHE A 544 8.25 10.42 -23.06
CA PHE A 544 9.54 9.75 -23.02
C PHE A 544 9.84 9.36 -24.44
N ASP A 545 11.12 9.10 -24.71
CA ASP A 545 11.56 8.79 -26.08
C ASP A 545 11.12 7.39 -26.46
N LYS A 546 10.49 7.35 -27.64
CA LYS A 546 10.08 6.12 -28.30
C LYS A 546 11.29 5.19 -28.53
N TRP A 547 11.07 3.87 -28.54
CA TRP A 547 12.18 2.92 -28.66
C TRP A 547 12.85 3.04 -30.03
N ASP A 548 14.19 2.97 -30.04
CA ASP A 548 14.87 3.18 -31.29
C ASP A 548 15.08 2.02 -32.23
N GLY A 549 14.40 0.88 -32.07
CA GLY A 549 14.61 -0.20 -33.01
C GLY A 549 15.95 -0.94 -32.83
N LYS A 550 16.95 -0.41 -32.14
CA LYS A 550 18.19 -1.13 -32.00
C LYS A 550 18.30 -1.92 -30.70
N ASP A 551 19.38 -2.72 -30.57
CA ASP A 551 19.51 -3.47 -29.33
C ASP A 551 20.14 -2.60 -28.26
N LEU A 552 20.30 -2.94 -27.00
CA LEU A 552 20.87 -2.04 -26.01
C LEU A 552 22.31 -2.50 -25.79
N GLU A 553 23.29 -1.87 -26.43
CA GLU A 553 24.71 -2.22 -26.38
C GLU A 553 25.47 -1.31 -25.45
N ASP A 554 26.55 -1.89 -24.91
CA ASP A 554 27.47 -1.36 -23.90
C ASP A 554 26.96 -0.31 -22.95
N LEU A 555 26.14 -0.92 -22.13
CA LEU A 555 25.43 -0.23 -21.06
C LEU A 555 26.31 -0.24 -19.82
N GLN A 556 26.22 0.86 -19.12
CA GLN A 556 26.91 1.09 -17.88
C GLN A 556 26.11 0.57 -16.72
N ILE A 557 26.72 0.05 -15.66
CA ILE A 557 25.93 -0.33 -14.51
C ILE A 557 26.09 0.91 -13.65
N LEU A 558 25.00 1.60 -13.37
CA LEU A 558 25.03 2.76 -12.47
C LEU A 558 25.30 2.21 -11.06
N ILE A 559 24.55 1.20 -10.59
CA ILE A 559 24.78 0.65 -9.27
C ILE A 559 24.39 -0.82 -9.29
N LYS A 560 25.15 -1.63 -8.56
CA LYS A 560 24.89 -3.04 -8.39
C LYS A 560 24.55 -3.06 -6.92
N VAL A 561 23.32 -3.44 -6.62
CA VAL A 561 22.77 -3.27 -5.30
C VAL A 561 22.85 -4.54 -4.48
N LYS A 562 23.29 -4.37 -3.24
CA LYS A 562 23.34 -5.47 -2.29
C LYS A 562 22.08 -5.53 -1.42
N GLY A 563 21.49 -6.70 -1.28
CA GLY A 563 20.40 -6.91 -0.37
C GLY A 563 19.14 -6.28 -0.86
N LYS A 564 18.33 -6.11 0.16
CA LYS A 564 16.96 -5.57 0.05
C LYS A 564 16.98 -4.15 -0.52
N CYS A 565 16.15 -3.88 -1.54
CA CYS A 565 16.05 -2.60 -2.19
C CYS A 565 14.58 -2.35 -2.40
N THR A 566 13.98 -1.80 -1.38
CA THR A 566 12.60 -1.39 -1.24
C THR A 566 12.28 -0.16 -2.13
N THR A 567 11.04 0.29 -2.44
CA THR A 567 10.82 1.55 -3.19
C THR A 567 11.16 2.80 -2.37
N ASP A 568 11.34 2.68 -1.05
CA ASP A 568 11.84 3.77 -0.22
C ASP A 568 13.36 3.97 -0.38
N HIS A 569 14.10 2.93 -0.82
CA HIS A 569 15.52 3.07 -1.13
C HIS A 569 15.63 3.71 -2.51
N ILE A 570 14.66 3.45 -3.40
CA ILE A 570 14.67 3.95 -4.75
C ILE A 570 14.12 5.38 -4.81
N SER A 571 12.99 5.68 -4.17
CA SER A 571 12.41 7.02 -4.21
C SER A 571 11.95 7.30 -2.80
N ALA A 572 12.71 8.05 -2.02
CA ALA A 572 12.31 8.24 -0.63
C ALA A 572 11.13 9.19 -0.46
N ALA A 573 10.52 9.01 0.70
CA ALA A 573 9.39 9.82 1.05
C ALA A 573 9.93 10.91 1.94
N GLY A 574 9.42 11.18 3.14
CA GLY A 574 9.96 12.21 4.00
C GLY A 574 10.00 13.54 3.28
N PRO A 575 11.13 14.26 3.14
CA PRO A 575 11.15 15.58 2.51
C PRO A 575 10.73 15.57 1.05
N TRP A 576 10.89 14.47 0.33
CA TRP A 576 10.59 14.42 -1.10
C TRP A 576 9.11 14.30 -1.44
N LEU A 577 8.21 14.11 -0.49
CA LEU A 577 6.79 14.11 -0.80
C LEU A 577 6.33 15.47 -1.32
N LYS A 578 7.07 16.56 -1.02
CA LYS A 578 6.68 17.86 -1.56
C LYS A 578 6.97 17.94 -3.07
N PHE A 579 7.62 16.94 -3.69
CA PHE A 579 7.90 16.98 -5.10
C PHE A 579 7.18 15.88 -5.83
N ARG A 580 6.18 15.20 -5.27
CA ARG A 580 5.45 14.13 -5.92
C ARG A 580 4.77 14.48 -7.21
N GLY A 581 4.60 15.76 -7.55
CA GLY A 581 4.12 16.17 -8.84
C GLY A 581 5.22 16.82 -9.67
N HIS A 582 6.48 16.85 -9.26
CA HIS A 582 7.52 17.46 -10.09
C HIS A 582 8.53 16.38 -10.39
N LEU A 583 8.56 15.79 -11.58
CA LEU A 583 9.51 14.74 -11.90
C LEU A 583 10.98 15.12 -11.79
N ASP A 584 11.54 16.17 -12.43
CA ASP A 584 12.97 16.37 -12.25
C ASP A 584 13.24 16.82 -10.86
N ASN A 585 12.32 17.34 -10.08
CA ASN A 585 12.78 17.70 -8.77
C ASN A 585 12.81 16.49 -7.89
N ILE A 586 11.92 15.50 -8.01
CA ILE A 586 12.00 14.34 -7.13
C ILE A 586 13.06 13.34 -7.60
N SER A 587 13.51 13.36 -8.86
CA SER A 587 14.56 12.51 -9.38
C SER A 587 15.91 12.67 -8.73
N ASN A 588 16.11 13.81 -8.04
CA ASN A 588 17.34 14.11 -7.32
C ASN A 588 17.42 13.20 -6.14
N ASN A 589 16.44 12.33 -5.84
CA ASN A 589 16.59 11.34 -4.79
C ASN A 589 16.84 9.92 -5.32
N LEU A 590 17.21 9.73 -6.58
CA LEU A 590 17.22 8.41 -7.18
C LEU A 590 18.28 7.58 -6.56
N LEU A 591 17.79 6.49 -6.01
CA LEU A 591 18.56 5.42 -5.41
C LEU A 591 19.52 5.78 -4.34
N ILE A 592 19.31 6.89 -3.63
CA ILE A 592 20.25 7.31 -2.61
C ILE A 592 20.27 6.43 -1.33
N GLY A 593 19.30 5.54 -1.07
CA GLY A 593 19.27 4.68 0.10
C GLY A 593 19.70 3.23 -0.16
N ALA A 594 19.85 2.80 -1.43
CA ALA A 594 20.27 1.43 -1.75
C ALA A 594 21.77 1.18 -1.47
N ILE A 595 22.20 0.01 -1.02
CA ILE A 595 23.57 -0.24 -0.64
C ILE A 595 24.33 -0.64 -1.87
N ASN A 596 25.41 0.08 -2.12
CA ASN A 596 26.29 -0.22 -3.23
C ASN A 596 27.08 -1.51 -2.92
N ILE A 597 27.00 -2.67 -3.60
CA ILE A 597 27.83 -3.80 -3.22
C ILE A 597 29.34 -3.50 -3.34
N GLU A 598 29.78 -2.45 -4.06
CA GLU A 598 31.22 -2.21 -4.19
C GLU A 598 31.83 -1.72 -2.88
N ASN A 599 31.14 -0.90 -2.08
CA ASN A 599 31.75 -0.38 -0.86
C ASN A 599 30.84 -0.48 0.36
N ARG A 600 29.73 -1.25 0.32
CA ARG A 600 28.74 -1.33 1.39
C ARG A 600 28.10 0.01 1.80
N LYS A 601 28.07 1.08 0.99
CA LYS A 601 27.52 2.35 1.45
C LYS A 601 26.37 2.89 0.59
N ALA A 602 25.47 3.72 1.14
CA ALA A 602 24.40 4.33 0.39
C ALA A 602 24.81 5.65 -0.19
N ASN A 603 24.38 5.86 -1.41
CA ASN A 603 24.63 7.07 -2.19
C ASN A 603 26.09 7.36 -2.49
N SER A 604 26.92 6.39 -2.85
CA SER A 604 28.26 6.70 -3.37
C SER A 604 28.73 5.61 -4.29
N VAL A 605 28.54 5.92 -5.56
CA VAL A 605 28.87 5.01 -6.63
C VAL A 605 30.02 5.65 -7.38
N ARG A 606 30.80 4.85 -8.11
CA ARG A 606 31.97 5.35 -8.81
C ARG A 606 31.61 5.74 -10.21
N ASN A 607 31.97 6.94 -10.60
CA ASN A 607 31.60 7.45 -11.90
C ASN A 607 32.55 6.81 -12.87
N ALA A 608 32.12 5.98 -13.84
CA ALA A 608 33.02 5.32 -14.73
C ALA A 608 34.00 6.23 -15.44
N VAL A 609 33.70 7.48 -15.79
CA VAL A 609 34.70 8.22 -16.58
C VAL A 609 35.54 9.13 -15.70
N THR A 610 35.11 9.70 -14.57
CA THR A 610 35.96 10.57 -13.76
C THR A 610 36.70 9.87 -12.60
N GLN A 611 36.16 8.67 -12.32
CA GLN A 611 36.69 7.75 -11.35
C GLN A 611 36.64 8.31 -9.96
N GLU A 612 35.53 9.02 -9.71
CA GLU A 612 35.26 9.54 -8.38
C GLU A 612 34.02 8.97 -7.81
N PHE A 613 34.05 8.65 -6.53
CA PHE A 613 32.86 8.12 -5.93
C PHE A 613 31.95 9.31 -5.55
N GLY A 614 30.64 9.33 -5.78
CA GLY A 614 29.75 10.44 -5.44
C GLY A 614 28.27 10.08 -5.49
N PRO A 615 27.30 10.97 -5.30
CA PRO A 615 25.89 10.66 -5.26
C PRO A 615 25.36 9.94 -6.49
N VAL A 616 24.39 9.02 -6.38
CA VAL A 616 23.82 8.29 -7.51
C VAL A 616 23.13 9.25 -8.46
N PRO A 617 22.25 10.23 -8.09
CA PRO A 617 21.46 11.07 -9.02
C PRO A 617 22.34 11.93 -9.90
N ASP A 618 23.38 12.47 -9.26
CA ASP A 618 24.38 13.24 -9.98
C ASP A 618 25.00 12.38 -11.02
N THR A 619 25.41 11.13 -10.66
CA THR A 619 26.09 10.22 -11.58
C THR A 619 25.21 9.79 -12.78
N ALA A 620 23.96 9.44 -12.50
CA ALA A 620 23.00 9.03 -13.51
C ALA A 620 22.74 10.20 -14.44
N ARG A 621 22.66 11.44 -13.91
CA ARG A 621 22.52 12.67 -14.67
C ARG A 621 23.79 12.92 -15.49
N TYR A 622 24.99 12.77 -14.98
CA TYR A 622 26.25 12.83 -15.75
C TYR A 622 26.22 11.86 -16.95
N TYR A 623 25.85 10.63 -16.70
CA TYR A 623 25.69 9.60 -17.72
C TYR A 623 24.71 10.03 -18.77
N LYS A 624 23.57 10.53 -18.37
CA LYS A 624 22.51 10.94 -19.27
C LYS A 624 23.03 12.07 -20.19
N GLN A 625 23.54 13.14 -19.61
CA GLN A 625 23.97 14.23 -20.45
C GLN A 625 25.24 13.91 -21.24
N HIS A 626 25.90 12.77 -21.01
CA HIS A 626 27.02 12.36 -21.86
C HIS A 626 26.68 11.24 -22.83
N GLY A 627 25.43 10.81 -22.91
CA GLY A 627 25.02 9.78 -23.83
C GLY A 627 25.36 8.39 -23.33
N ILE A 628 25.57 8.13 -22.04
CA ILE A 628 25.82 6.77 -21.54
C ILE A 628 24.48 6.15 -21.09
N ARG A 629 24.00 5.03 -21.65
CA ARG A 629 22.76 4.43 -21.13
C ARG A 629 23.11 3.47 -20.01
N TRP A 630 22.35 3.39 -18.94
CA TRP A 630 22.71 2.56 -17.81
C TRP A 630 21.60 1.61 -17.39
N VAL A 631 21.95 0.77 -16.40
CA VAL A 631 21.24 -0.42 -15.94
C VAL A 631 21.45 -0.45 -14.43
N VAL A 632 20.51 -1.05 -13.69
CA VAL A 632 20.66 -1.27 -12.26
C VAL A 632 20.66 -2.78 -12.08
N ILE A 633 21.41 -3.34 -11.16
CA ILE A 633 21.46 -4.77 -10.90
C ILE A 633 20.96 -4.96 -9.47
N GLY A 634 19.98 -5.81 -9.27
CA GLY A 634 19.45 -5.96 -7.95
C GLY A 634 19.52 -7.41 -7.59
N ASP A 635 19.26 -7.59 -6.29
CA ASP A 635 19.18 -8.88 -5.72
C ASP A 635 17.71 -9.35 -5.66
N GLU A 636 17.19 -9.88 -4.55
CA GLU A 636 15.81 -10.36 -4.39
C GLU A 636 14.70 -9.39 -4.03
N ASN A 637 13.51 -9.63 -4.59
CA ASN A 637 12.31 -8.89 -4.27
C ASN A 637 12.47 -7.38 -4.30
N TYR A 638 13.10 -6.97 -5.39
CA TYR A 638 13.42 -5.59 -5.69
C TYR A 638 12.14 -4.79 -5.94
N GLY A 639 12.06 -3.63 -5.28
CA GLY A 639 10.97 -2.71 -5.42
C GLY A 639 9.80 -3.12 -4.53
N GLU A 640 10.16 -3.87 -3.48
CA GLU A 640 9.29 -4.33 -2.40
C GLU A 640 8.59 -3.13 -1.73
N GLY A 641 7.36 -3.19 -1.24
CA GLY A 641 6.88 -2.07 -0.46
C GLY A 641 5.92 -1.08 -1.11
N SER A 642 6.22 0.19 -0.93
CA SER A 642 5.30 1.24 -1.29
C SER A 642 5.08 1.31 -2.79
N SER A 643 3.87 1.72 -3.17
CA SER A 643 3.44 1.69 -4.55
C SER A 643 3.97 2.72 -5.54
N ARG A 644 4.48 3.88 -5.09
CA ARG A 644 4.91 4.98 -5.92
C ARG A 644 5.52 4.66 -7.28
N GLU A 645 4.91 5.16 -8.36
CA GLU A 645 5.46 5.00 -9.71
C GLU A 645 6.71 5.81 -9.95
N HIS A 646 7.00 6.69 -9.01
CA HIS A 646 8.16 7.57 -9.00
C HIS A 646 9.41 6.69 -8.95
N SER A 647 9.35 5.52 -8.31
CA SER A 647 10.40 4.54 -8.43
C SER A 647 10.70 4.07 -9.83
N ALA A 648 9.79 4.20 -10.80
CA ALA A 648 10.01 3.79 -12.17
C ALA A 648 10.25 4.96 -13.11
N LEU A 649 9.61 6.12 -12.86
CA LEU A 649 9.73 7.31 -13.65
C LEU A 649 11.09 7.94 -13.50
N GLU A 650 11.63 7.99 -12.29
CA GLU A 650 12.90 8.66 -12.05
C GLU A 650 14.07 7.94 -12.70
N PRO A 651 14.21 6.61 -12.69
CA PRO A 651 15.13 5.92 -13.58
C PRO A 651 14.95 6.28 -15.03
N ARG A 652 13.76 6.51 -15.53
CA ARG A 652 13.59 6.67 -16.96
C ARG A 652 14.04 8.07 -17.25
N HIS A 653 13.66 9.02 -16.38
CA HIS A 653 14.00 10.40 -16.54
C HIS A 653 15.51 10.61 -16.51
N LEU A 654 16.28 9.89 -15.72
CA LEU A 654 17.71 10.06 -15.78
C LEU A 654 18.52 9.16 -16.71
N GLY A 655 18.02 8.50 -17.79
CA GLY A 655 18.92 7.76 -18.70
C GLY A 655 18.95 6.24 -18.57
N GLY A 656 18.12 5.70 -17.67
CA GLY A 656 17.95 4.28 -17.40
C GLY A 656 17.14 3.58 -18.47
N ARG A 657 17.59 2.40 -18.78
CA ARG A 657 16.99 1.59 -19.80
C ARG A 657 16.52 0.29 -19.20
N ALA A 658 17.20 -0.39 -18.28
CA ALA A 658 16.80 -1.70 -17.79
C ALA A 658 17.19 -1.90 -16.32
N ILE A 659 16.47 -2.74 -15.56
CA ILE A 659 16.75 -3.09 -14.17
C ILE A 659 16.79 -4.61 -14.21
N ILE A 660 17.87 -5.30 -13.85
CA ILE A 660 17.96 -6.75 -13.96
C ILE A 660 18.11 -7.27 -12.56
N THR A 661 17.24 -8.14 -12.09
CA THR A 661 17.28 -8.58 -10.70
C THR A 661 17.05 -10.08 -10.66
N LYS A 662 17.14 -10.67 -9.47
CA LYS A 662 16.86 -12.05 -9.27
C LYS A 662 15.34 -12.11 -9.18
N SER A 663 14.62 -11.17 -8.56
CA SER A 663 13.14 -11.13 -8.63
C SER A 663 12.54 -9.75 -8.30
N PHE A 664 11.38 -9.41 -8.78
CA PHE A 664 10.74 -8.12 -8.54
C PHE A 664 9.49 -8.29 -7.73
N ALA A 665 9.11 -7.19 -7.12
CA ALA A 665 7.89 -7.05 -6.42
C ALA A 665 6.92 -6.69 -7.51
N ARG A 666 5.65 -7.04 -7.33
CA ARG A 666 4.61 -6.92 -8.33
C ARG A 666 4.36 -5.52 -8.82
N ILE A 667 4.05 -4.58 -7.93
CA ILE A 667 3.61 -3.25 -8.33
C ILE A 667 4.83 -2.60 -8.93
N HIS A 668 6.06 -2.73 -8.41
CA HIS A 668 7.20 -2.12 -9.04
C HIS A 668 7.51 -2.64 -10.43
N GLU A 669 7.41 -3.93 -10.70
CA GLU A 669 7.61 -4.43 -12.05
C GLU A 669 6.50 -3.92 -12.93
N THR A 670 5.22 -3.80 -12.57
CA THR A 670 4.26 -3.26 -13.50
C THR A 670 4.58 -1.81 -13.86
N ASN A 671 5.02 -1.01 -12.87
CA ASN A 671 5.41 0.40 -13.02
C ASN A 671 6.59 0.56 -13.93
N LEU A 672 7.58 -0.36 -13.92
CA LEU A 672 8.68 -0.30 -14.88
C LEU A 672 8.20 -0.64 -16.26
N LYS A 673 7.28 -1.58 -16.45
CA LYS A 673 6.84 -1.87 -17.82
C LYS A 673 6.03 -0.69 -18.35
N LYS A 674 5.33 0.00 -17.44
CA LYS A 674 4.49 1.15 -17.81
C LYS A 674 5.28 2.34 -18.26
N GLN A 675 6.48 2.56 -17.72
CA GLN A 675 7.32 3.69 -18.13
C GLN A 675 8.37 3.38 -19.22
N GLY A 676 8.21 2.33 -20.01
CA GLY A 676 9.12 2.03 -21.10
C GLY A 676 10.45 1.47 -20.68
N LEU A 677 10.63 0.96 -19.48
CA LEU A 677 11.90 0.44 -19.05
C LEU A 677 11.81 -1.06 -19.15
N LEU A 678 12.94 -1.75 -18.99
CA LEU A 678 12.90 -3.19 -19.04
C LEU A 678 13.16 -3.86 -17.70
N PRO A 679 12.14 -4.54 -17.14
CA PRO A 679 12.32 -5.33 -15.93
C PRO A 679 12.80 -6.72 -16.29
N LEU A 680 14.02 -7.15 -16.00
CA LEU A 680 14.47 -8.46 -16.43
C LEU A 680 15.04 -9.26 -15.27
N THR A 681 14.97 -10.57 -15.26
CA THR A 681 15.48 -11.32 -14.15
C THR A 681 16.41 -12.38 -14.68
N PHE A 682 17.24 -12.78 -13.74
CA PHE A 682 18.25 -13.75 -14.06
C PHE A 682 17.64 -15.10 -14.34
N ALA A 683 17.93 -15.83 -15.42
CA ALA A 683 17.38 -17.17 -15.64
C ALA A 683 18.04 -18.07 -14.64
N ASP A 684 19.20 -17.70 -14.17
CA ASP A 684 19.87 -18.39 -13.10
C ASP A 684 20.24 -17.35 -12.06
N PRO A 685 19.67 -17.21 -10.85
CA PRO A 685 20.08 -16.17 -9.90
C PRO A 685 21.54 -16.10 -9.55
N ALA A 686 22.28 -17.17 -9.83
CA ALA A 686 23.70 -17.25 -9.53
C ALA A 686 24.50 -16.34 -10.45
N ASP A 687 23.92 -15.99 -11.61
CA ASP A 687 24.51 -15.07 -12.56
C ASP A 687 24.65 -13.65 -12.07
N TYR A 688 23.91 -13.31 -11.01
CA TYR A 688 24.13 -12.07 -10.31
C TYR A 688 25.61 -11.93 -9.96
N ASN A 689 26.24 -13.05 -9.57
CA ASN A 689 27.65 -13.03 -9.16
C ASN A 689 28.65 -12.90 -10.29
N LYS A 690 28.21 -13.12 -11.53
CA LYS A 690 29.06 -12.93 -12.71
C LYS A 690 29.25 -11.44 -13.01
N ILE A 691 28.29 -10.61 -12.63
CA ILE A 691 28.36 -9.23 -13.04
C ILE A 691 29.02 -8.33 -12.02
N HIS A 692 30.07 -7.64 -12.41
CA HIS A 692 30.71 -6.69 -11.53
C HIS A 692 30.42 -5.27 -12.06
N PRO A 693 30.49 -4.21 -11.21
CA PRO A 693 30.22 -2.79 -11.47
C PRO A 693 30.81 -2.23 -12.73
N VAL A 694 32.00 -2.77 -12.99
CA VAL A 694 32.89 -2.50 -14.10
C VAL A 694 32.45 -3.07 -15.42
N ASP A 695 31.59 -4.12 -15.49
CA ASP A 695 31.34 -4.72 -16.79
C ASP A 695 30.42 -3.89 -17.67
N LYS A 696 30.39 -4.09 -18.97
CA LYS A 696 29.40 -3.37 -19.76
C LYS A 696 28.42 -4.49 -20.22
N LEU A 697 27.11 -4.19 -20.31
CA LEU A 697 26.14 -5.25 -20.66
C LEU A 697 25.57 -5.00 -22.02
N THR A 698 25.31 -6.00 -22.84
CA THR A 698 24.57 -5.81 -24.07
C THR A 698 23.39 -6.76 -23.95
N ILE A 699 22.21 -6.16 -24.13
CA ILE A 699 20.93 -6.85 -24.05
C ILE A 699 20.57 -6.86 -25.53
N GLN A 700 20.48 -8.10 -26.01
CA GLN A 700 20.36 -8.38 -27.41
C GLN A 700 19.12 -9.18 -27.69
N GLY A 701 18.34 -8.95 -28.73
CA GLY A 701 17.19 -9.79 -29.02
C GLY A 701 15.86 -9.06 -28.97
N LEU A 702 15.93 -7.71 -28.96
CA LEU A 702 14.73 -6.88 -28.82
C LEU A 702 13.93 -6.82 -30.07
N LYS A 703 14.65 -6.91 -31.19
CA LYS A 703 13.99 -6.90 -32.49
C LYS A 703 12.98 -8.08 -32.57
N ASP A 704 13.20 -9.19 -31.85
CA ASP A 704 12.19 -10.21 -31.82
C ASP A 704 11.88 -10.65 -30.39
N PHE A 705 11.49 -9.60 -29.67
CA PHE A 705 11.04 -9.65 -28.27
C PHE A 705 9.71 -10.35 -28.38
N ALA A 706 9.51 -11.36 -27.56
CA ALA A 706 8.27 -12.13 -27.69
C ALA A 706 7.92 -12.69 -26.33
N PRO A 707 6.68 -12.93 -25.96
CA PRO A 707 6.29 -13.63 -24.78
C PRO A 707 6.98 -14.96 -24.67
N GLY A 708 7.60 -15.21 -23.52
CA GLY A 708 8.23 -16.48 -23.32
C GLY A 708 9.62 -16.53 -23.89
N LYS A 709 10.13 -15.80 -24.89
CA LYS A 709 11.52 -16.00 -25.36
C LYS A 709 12.38 -15.30 -24.34
N PRO A 710 13.38 -15.91 -23.74
CA PRO A 710 14.36 -15.18 -22.97
C PRO A 710 15.20 -14.24 -23.82
N LEU A 711 15.84 -13.23 -23.20
CA LEU A 711 16.67 -12.25 -23.84
C LEU A 711 18.06 -12.59 -23.47
N LYS A 712 18.98 -12.32 -24.36
CA LYS A 712 20.35 -12.77 -24.17
C LYS A 712 21.13 -11.55 -23.73
N CYS A 713 21.97 -11.78 -22.75
CA CYS A 713 22.76 -10.71 -22.21
C CYS A 713 24.24 -11.08 -22.21
N ILE A 714 25.06 -10.23 -22.83
CA ILE A 714 26.47 -10.44 -23.03
C ILE A 714 27.10 -9.52 -22.03
N ILE A 715 27.77 -10.12 -21.08
CA ILE A 715 28.54 -9.37 -20.10
C ILE A 715 29.94 -9.14 -20.72
N LYS A 716 30.44 -7.90 -20.79
CA LYS A 716 31.75 -7.60 -21.36
C LYS A 716 32.73 -7.13 -20.30
N HIS A 717 33.72 -7.99 -19.98
CA HIS A 717 34.67 -7.71 -18.91
C HIS A 717 35.84 -6.82 -19.32
N PRO A 718 36.46 -6.01 -18.47
CA PRO A 718 37.54 -5.09 -18.83
C PRO A 718 38.67 -5.78 -19.59
N ASN A 719 38.94 -7.02 -19.24
CA ASN A 719 39.99 -7.80 -19.85
C ASN A 719 39.57 -8.47 -21.16
N GLY A 720 38.51 -8.01 -21.83
CA GLY A 720 38.13 -8.58 -23.11
C GLY A 720 37.37 -9.92 -23.05
N THR A 721 37.38 -10.74 -21.98
CA THR A 721 36.54 -11.92 -21.99
C THR A 721 35.08 -11.50 -21.97
N GLN A 722 34.18 -12.23 -22.61
CA GLN A 722 32.74 -11.98 -22.42
C GLN A 722 32.01 -13.24 -22.05
N GLU A 723 30.84 -13.11 -21.45
CA GLU A 723 30.04 -14.25 -21.05
C GLU A 723 28.69 -13.91 -21.57
N THR A 724 27.80 -14.86 -21.85
CA THR A 724 26.46 -14.60 -22.30
C THR A 724 25.55 -15.30 -21.31
N ILE A 725 24.55 -14.63 -20.78
CA ILE A 725 23.66 -15.23 -19.83
C ILE A 725 22.30 -15.07 -20.46
N LEU A 726 21.28 -15.74 -19.93
CA LEU A 726 19.92 -15.58 -20.43
C LEU A 726 19.12 -14.81 -19.40
N LEU A 727 18.10 -14.07 -19.79
CA LEU A 727 17.28 -13.25 -18.91
C LEU A 727 15.83 -13.42 -19.26
N ASN A 728 15.01 -13.60 -18.25
CA ASN A 728 13.59 -13.81 -18.46
C ASN A 728 12.90 -12.49 -18.22
N HIS A 729 11.67 -12.42 -18.59
CA HIS A 729 10.88 -11.19 -18.54
C HIS A 729 9.43 -11.65 -18.45
N THR A 730 8.42 -10.93 -17.96
CA THR A 730 7.07 -11.45 -17.98
C THR A 730 6.21 -10.64 -18.90
N PHE A 731 6.75 -10.01 -19.91
CA PHE A 731 5.96 -9.24 -20.87
C PHE A 731 5.11 -10.13 -21.79
N ASN A 732 3.90 -9.67 -22.01
CA ASN A 732 2.98 -10.22 -22.98
C ASN A 732 2.96 -9.16 -24.10
N GLU A 733 2.35 -9.45 -25.25
CA GLU A 733 2.30 -8.49 -26.35
C GLU A 733 1.71 -7.12 -25.96
N THR A 734 0.80 -6.91 -24.96
CA THR A 734 0.29 -5.57 -24.67
C THR A 734 1.44 -4.73 -24.18
N GLN A 735 2.22 -5.37 -23.32
CA GLN A 735 3.32 -4.76 -22.62
C GLN A 735 4.51 -4.52 -23.55
N ILE A 736 4.83 -5.40 -24.49
CA ILE A 736 5.88 -5.10 -25.45
C ILE A 736 5.51 -3.85 -26.26
N GLU A 737 4.24 -3.60 -26.53
CA GLU A 737 3.79 -2.40 -27.25
C GLU A 737 4.00 -1.14 -26.40
N TRP A 738 3.94 -1.24 -25.07
CA TRP A 738 4.29 -0.16 -24.19
C TRP A 738 5.78 0.09 -24.33
N PHE A 739 6.65 -0.93 -24.33
CA PHE A 739 8.07 -0.68 -24.43
C PHE A 739 8.43 -0.01 -25.75
N ARG A 740 7.95 -0.57 -26.84
CA ARG A 740 8.16 -0.09 -28.17
C ARG A 740 7.78 1.39 -28.26
N ALA A 741 6.59 1.81 -27.82
CA ALA A 741 6.14 3.21 -27.85
C ALA A 741 6.89 4.17 -26.93
N GLY A 742 7.70 3.69 -26.00
CA GLY A 742 8.45 4.57 -25.12
C GLY A 742 7.88 4.59 -23.73
N SER A 743 6.60 4.28 -23.55
CA SER A 743 5.92 4.18 -22.28
C SER A 743 4.50 3.72 -22.60
N ALA A 744 3.65 3.35 -21.64
CA ALA A 744 2.28 2.93 -21.92
C ALA A 744 1.39 4.10 -22.33
N LEU A 745 1.75 5.31 -21.89
CA LEU A 745 1.01 6.50 -22.21
C LEU A 745 1.17 6.91 -23.67
N ASN A 746 2.42 6.83 -24.13
CA ASN A 746 2.73 7.07 -25.51
C ASN A 746 1.88 6.14 -26.37
N ARG A 747 1.80 4.85 -26.02
CA ARG A 747 0.98 3.89 -26.74
C ARG A 747 -0.52 4.25 -26.70
N MET A 748 -1.06 4.65 -25.53
CA MET A 748 -2.47 5.04 -25.44
C MET A 748 -2.71 6.21 -26.40
N LYS A 749 -1.70 7.07 -26.56
CA LYS A 749 -1.88 8.18 -27.45
C LYS A 749 -1.82 7.70 -28.90
N GLU A 750 -1.09 6.64 -29.27
CA GLU A 750 -1.06 6.15 -30.65
C GLU A 750 -2.45 5.54 -30.98
N LEU A 751 -3.31 5.08 -30.05
CA LEU A 751 -4.61 4.58 -30.50
C LEU A 751 -5.62 5.71 -30.65
N GLN A 752 -5.15 6.95 -30.80
CA GLN A 752 -6.03 8.04 -31.20
C GLN A 752 -5.43 8.68 -32.46
N GLN A 753 -4.71 9.79 -32.34
CA GLN A 753 -4.25 10.44 -33.56
C GLN A 753 -2.72 10.10 -33.76
N LYS A 754 -2.35 8.88 -33.30
CA LYS A 754 -0.95 8.45 -33.12
C LYS A 754 -0.23 9.48 -32.24
S SO4 B . 3.34 5.81 -1.49
O1 SO4 B . 4.24 5.46 -2.49
O2 SO4 B . 3.15 7.21 -1.41
O3 SO4 B . 2.14 5.18 -1.86
O4 SO4 B . 3.79 5.33 -0.22
FE1 F3S C . -2.84 3.84 5.96
FE3 F3S C . -1.64 6.07 5.46
FE4 F3S C . -0.43 4.39 6.90
S1 F3S C . -2.99 4.90 3.95
S2 F3S C . -1.06 2.31 6.01
S3 F3S C . -2.33 5.45 7.53
S4 F3S C . 0.61 5.64 5.24
C1 TRC D . 5.69 -13.25 -12.14
O1 TRC D . 6.41 -14.09 -11.55
O2 TRC D . 5.46 -13.39 -13.36
C2 TRC D . 4.95 -12.09 -11.44
C3 TRC D . 4.50 -12.38 -9.94
C4 TRC D . 3.50 -11.35 -9.30
C5 TRC D . 2.17 -10.94 -9.99
O3 TRC D . 1.15 -11.55 -9.67
O4 TRC D . 2.05 -9.99 -10.80
C6 TRC D . 3.91 -13.80 -9.88
O5 TRC D . 3.25 -14.30 -10.83
O6 TRC D . 4.17 -14.48 -8.86
#